data_6M4P
#
_entry.id   6M4P
#
_cell.length_a   61.638
_cell.length_b   87.254
_cell.length_c   78.789
_cell.angle_alpha   90.000
_cell.angle_beta   112.281
_cell.angle_gamma   90.000
#
_symmetry.space_group_name_H-M   'P 1 21 1'
#
loop_
_entity.id
_entity.type
_entity.pdbx_description
1 polymer 'Cytochrome P450'
2 non-polymer 'PROTOPORPHYRIN IX CONTAINING FE'
3 non-polymer '6-methoxy-streptovaricin C'
4 water water
#
_entity_poly.entity_id   1
_entity_poly.type   'polypeptide(L)'
_entity_poly.pdbx_seq_one_letter_code
;MTETPATPTGLPTARAAGCPFDPPPGLAALRDRAPLTRMEFPNGHVGWLATGHAVVRAVLADPRFSHRNDRRHWPLADIG
RGFPPLPGDMLHIDPPDHTRYRKLLAGKFTMRRMRRLTGSAQEIVAGKLDAMERHGGPLDLLEFFARPVPTLMVCALLGV
PLQDRATFHPPVRGTDDAAAVEADVAAYVEMTYADMQEYFRKLVAAKRAAPADDLLSDLTTSDLTEDELVGLCAVMMHAG
VDSTSNMLALGTWALLERPDQLAALRERPDLADRAVEELMRYMSVVHTGSRAALEDVELAGEVVRAGESVAFSVQAANRD
PARFADPDTLDIRRGAVGHLGFGYGVHQCLGMQLARVEMRVAFPALFARFPALRLAVPAGDVPMRDDLVIPYGVHRLPVT
W
;
_entity_poly.pdbx_strand_id   A,B
#
# COMPACT_ATOMS: atom_id res chain seq x y z
N PRO A 8 12.43 8.23 29.08
CA PRO A 8 12.69 9.54 29.68
C PRO A 8 11.53 10.52 29.46
N THR A 9 10.69 10.25 28.47
CA THR A 9 9.61 11.14 28.10
C THR A 9 8.26 10.50 28.38
N GLY A 10 7.25 11.34 28.60
CA GLY A 10 5.88 10.90 28.69
C GLY A 10 5.21 10.87 27.34
N LEU A 11 3.95 10.44 27.34
CA LEU A 11 3.19 10.32 26.10
C LEU A 11 2.50 11.64 25.77
N PRO A 12 2.72 12.20 24.59
CA PRO A 12 2.00 13.42 24.20
C PRO A 12 0.57 13.08 23.76
N THR A 13 -0.40 13.84 24.29
CA THR A 13 -1.80 13.58 24.03
C THR A 13 -2.60 14.82 23.65
N ALA A 14 -1.98 15.99 23.59
CA ALA A 14 -2.70 17.23 23.35
C ALA A 14 -2.73 17.53 21.85
N ARG A 15 -3.93 17.71 21.31
CA ARG A 15 -4.10 18.00 19.89
C ARG A 15 -3.70 19.46 19.59
N ALA A 16 -3.80 19.81 18.32
CA ALA A 16 -3.77 21.20 17.89
C ALA A 16 -5.19 21.74 17.87
N ALA A 17 -5.36 22.98 18.35
CA ALA A 17 -6.70 23.47 18.67
C ALA A 17 -7.62 23.46 17.45
N GLY A 18 -7.12 23.88 16.30
CA GLY A 18 -7.95 23.94 15.11
C GLY A 18 -7.68 22.84 14.11
N CYS A 19 -7.01 21.77 14.55
CA CYS A 19 -6.71 20.61 13.73
C CYS A 19 -7.15 19.35 14.49
N PRO A 20 -8.46 19.11 14.57
CA PRO A 20 -8.94 18.03 15.46
C PRO A 20 -8.81 16.63 14.89
N PHE A 21 -8.60 16.47 13.59
CA PHE A 21 -8.46 15.14 13.01
C PHE A 21 -7.05 14.58 13.14
N ASP A 22 -6.08 15.40 13.53
CA ASP A 22 -4.68 15.05 13.43
C ASP A 22 -4.09 14.66 14.78
N PRO A 23 -3.08 13.79 14.77
CA PRO A 23 -2.51 13.30 16.04
C PRO A 23 -1.84 14.43 16.81
N PRO A 24 -1.62 14.25 18.10
CA PRO A 24 -0.82 15.21 18.88
C PRO A 24 0.51 15.48 18.19
N PRO A 25 0.90 16.75 18.06
CA PRO A 25 2.14 17.06 17.33
C PRO A 25 3.38 16.43 17.92
N GLY A 26 3.42 16.22 19.23
CA GLY A 26 4.60 15.67 19.88
C GLY A 26 4.94 14.26 19.44
N LEU A 27 4.01 13.56 18.78
CA LEU A 27 4.28 12.18 18.38
C LEU A 27 5.20 12.12 17.17
N ALA A 28 5.01 13.04 16.21
CA ALA A 28 5.88 13.04 15.03
C ALA A 28 7.32 13.39 15.40
N ALA A 29 7.52 14.18 16.47
CA ALA A 29 8.88 14.51 16.89
C ALA A 29 9.55 13.32 17.55
N LEU A 30 8.81 12.57 18.37
CA LEU A 30 9.37 11.36 18.96
C LEU A 30 9.60 10.28 17.91
N ARG A 31 8.72 10.20 16.90
CA ARG A 31 8.83 9.14 15.90
C ARG A 31 10.03 9.37 14.98
N ASP A 32 10.13 10.56 14.39
CA ASP A 32 11.23 10.83 13.48
C ASP A 32 12.56 10.85 14.22
N ARG A 33 12.55 11.16 15.52
CA ARG A 33 13.72 10.91 16.35
C ARG A 33 13.98 9.40 16.46
N ALA A 34 12.94 8.63 16.79
CA ALA A 34 13.07 7.20 16.98
C ALA A 34 11.70 6.53 16.99
N PRO A 35 11.41 5.65 16.03
CA PRO A 35 10.09 5.00 16.00
C PRO A 35 9.82 4.14 17.22
N LEU A 36 10.84 3.82 18.02
CA LEU A 36 10.68 3.18 19.31
C LEU A 36 11.52 3.95 20.32
N THR A 37 10.89 4.45 21.37
CA THR A 37 11.59 5.28 22.34
C THR A 37 11.13 4.93 23.75
N ARG A 38 11.97 5.28 24.71
CA ARG A 38 11.66 5.06 26.12
C ARG A 38 10.52 5.97 26.56
N MET A 39 9.61 5.44 27.37
CA MET A 39 8.47 6.20 27.84
C MET A 39 8.17 5.85 29.29
N GLU A 40 7.85 6.87 30.08
CA GLU A 40 7.36 6.67 31.43
C GLU A 40 5.83 6.69 31.42
N PHE A 41 5.23 5.68 32.01
CA PHE A 41 3.78 5.52 32.03
C PHE A 41 3.18 6.31 33.18
N PRO A 42 1.86 6.59 33.12
CA PRO A 42 1.23 7.40 34.19
C PRO A 42 1.44 6.90 35.60
N ASN A 43 1.69 5.60 35.78
CA ASN A 43 1.87 5.04 37.11
C ASN A 43 3.33 4.93 37.53
N GLY A 44 4.26 5.42 36.70
CA GLY A 44 5.67 5.37 37.01
C GLY A 44 6.47 4.32 36.27
N HIS A 45 5.80 3.40 35.57
CA HIS A 45 6.47 2.32 34.87
C HIS A 45 7.33 2.88 33.75
N VAL A 46 8.64 2.61 33.79
CA VAL A 46 9.53 2.95 32.71
C VAL A 46 9.40 1.87 31.65
N GLY A 47 8.77 2.21 30.52
CA GLY A 47 8.56 1.25 29.46
C GLY A 47 9.00 1.75 28.10
N TRP A 48 8.14 1.58 27.09
CA TRP A 48 8.47 1.96 25.72
C TRP A 48 7.23 2.51 25.03
N LEU A 49 7.46 3.42 24.08
CA LEU A 49 6.42 3.94 23.20
C LEU A 49 6.83 3.67 21.77
N ALA A 50 5.96 2.99 21.02
CA ALA A 50 6.20 2.68 19.62
C ALA A 50 5.31 3.58 18.77
N THR A 51 5.95 4.39 17.93
CA THR A 51 5.23 5.29 17.03
C THR A 51 5.44 4.97 15.55
N GLY A 52 6.54 4.32 15.19
CA GLY A 52 6.76 3.95 13.80
C GLY A 52 5.76 2.89 13.36
N HIS A 53 5.34 3.00 12.09
CA HIS A 53 4.35 2.08 11.56
C HIS A 53 4.85 0.64 11.60
N ALA A 54 6.11 0.43 11.20
CA ALA A 54 6.66 -0.92 11.20
C ALA A 54 6.83 -1.45 12.62
N VAL A 55 7.26 -0.60 13.55
CA VAL A 55 7.45 -1.04 14.93
C VAL A 55 6.12 -1.38 15.57
N VAL A 56 5.10 -0.55 15.37
CA VAL A 56 3.78 -0.81 15.94
C VAL A 56 3.23 -2.13 15.39
N ARG A 57 3.39 -2.35 14.08
CA ARG A 57 2.88 -3.58 13.48
C ARG A 57 3.59 -4.80 14.03
N ALA A 58 4.90 -4.70 14.25
CA ALA A 58 5.64 -5.80 14.87
C ALA A 58 5.20 -6.02 16.31
N VAL A 59 4.86 -4.94 17.02
CA VAL A 59 4.35 -5.08 18.38
C VAL A 59 3.06 -5.89 18.40
N LEU A 60 2.15 -5.60 17.47
CA LEU A 60 0.83 -6.21 17.49
C LEU A 60 0.83 -7.65 16.98
N ALA A 61 1.82 -8.04 16.18
CA ALA A 61 1.84 -9.38 15.59
C ALA A 61 2.68 -10.38 16.37
N ASP A 62 3.57 -9.92 17.24
CA ASP A 62 4.49 -10.84 17.90
C ASP A 62 3.76 -11.68 18.94
N PRO A 63 4.03 -12.99 18.99
CA PRO A 63 3.37 -13.83 20.00
C PRO A 63 3.87 -13.62 21.42
N ARG A 64 4.98 -12.90 21.60
CA ARG A 64 5.57 -12.70 22.92
C ARG A 64 5.07 -11.42 23.60
N PHE A 65 3.97 -10.84 23.11
CA PHE A 65 3.39 -9.65 23.72
C PHE A 65 2.01 -9.99 24.26
N SER A 66 1.67 -9.39 25.40
CA SER A 66 0.45 -9.70 26.13
C SER A 66 -0.46 -8.50 26.17
N HIS A 67 -1.77 -8.75 26.10
CA HIS A 67 -2.78 -7.71 26.25
C HIS A 67 -3.60 -7.89 27.53
N ARG A 68 -3.15 -8.75 28.45
CA ARG A 68 -3.83 -8.86 29.74
C ARG A 68 -3.63 -7.59 30.54
N ASN A 69 -4.70 -7.16 31.22
CA ASN A 69 -4.63 -5.94 32.02
C ASN A 69 -3.83 -6.14 33.30
N ASP A 70 -3.53 -7.38 33.69
CA ASP A 70 -2.65 -7.65 34.83
C ASP A 70 -1.20 -7.82 34.40
N ARG A 71 -0.89 -7.68 33.13
CA ARG A 71 0.47 -7.72 32.61
C ARG A 71 0.94 -6.37 32.08
N ARG A 72 0.08 -5.66 31.37
CA ARG A 72 0.41 -4.38 30.78
C ARG A 72 0.15 -3.24 31.76
N HIS A 73 0.64 -2.06 31.41
CA HIS A 73 0.30 -0.82 32.09
C HIS A 73 -0.43 0.10 31.11
N TRP A 74 -1.49 0.73 31.58
CA TRP A 74 -2.31 1.58 30.73
C TRP A 74 -1.59 2.90 30.46
N PRO A 75 -1.38 3.29 29.20
CA PRO A 75 -0.52 4.44 28.90
C PRO A 75 -1.24 5.78 28.95
N LEU A 76 -2.58 5.76 28.92
CA LEU A 76 -3.34 7.00 28.86
C LEU A 76 -3.63 7.61 30.22
N ALA A 77 -3.69 6.81 31.28
CA ALA A 77 -4.02 7.34 32.60
C ALA A 77 -3.55 6.36 33.66
N ASP A 78 -3.50 6.85 34.90
CA ASP A 78 -3.14 6.03 36.04
C ASP A 78 -4.38 5.39 36.65
N ILE A 79 -4.26 4.11 36.97
CA ILE A 79 -5.30 3.25 37.53
C ILE A 79 -4.71 2.18 38.43
N GLY A 82 -8.33 -0.81 38.61
CA GLY A 82 -8.23 -1.93 37.70
C GLY A 82 -9.58 -2.51 37.31
N PHE A 83 -9.61 -3.81 37.09
CA PHE A 83 -10.82 -4.54 36.71
C PHE A 83 -10.52 -6.03 36.62
N PRO A 84 -11.54 -6.88 36.56
CA PRO A 84 -11.32 -8.27 36.21
C PRO A 84 -11.59 -8.49 34.73
N PRO A 85 -10.83 -9.37 34.08
CA PRO A 85 -11.17 -9.73 32.69
C PRO A 85 -12.64 -10.11 32.58
N LEU A 86 -13.42 -9.24 31.95
CA LEU A 86 -14.85 -9.43 31.93
C LEU A 86 -15.22 -10.64 31.04
N PRO A 87 -16.25 -11.38 31.41
CA PRO A 87 -16.70 -12.49 30.55
C PRO A 87 -17.03 -11.96 29.16
N GLY A 88 -16.54 -12.68 28.15
CA GLY A 88 -16.74 -12.25 26.77
C GLY A 88 -15.78 -11.19 26.29
N ASP A 89 -14.77 -10.83 27.08
CA ASP A 89 -13.72 -9.92 26.64
C ASP A 89 -12.58 -10.78 26.10
N MET A 90 -12.51 -10.91 24.77
CA MET A 90 -11.45 -11.65 24.12
C MET A 90 -10.24 -10.78 23.80
N LEU A 91 -10.35 -9.47 23.96
CA LEU A 91 -9.27 -8.56 23.56
C LEU A 91 -8.16 -8.50 24.60
N HIS A 92 -8.49 -8.64 25.89
CA HIS A 92 -7.52 -8.55 26.96
C HIS A 92 -7.21 -9.92 27.56
N ILE A 93 -7.17 -10.94 26.71
CA ILE A 93 -6.65 -12.25 27.06
C ILE A 93 -5.71 -12.71 25.95
N ASP A 94 -4.79 -13.58 26.30
CA ASP A 94 -3.77 -14.05 25.38
C ASP A 94 -4.08 -15.47 24.93
N PRO A 95 -3.42 -15.94 23.86
CA PRO A 95 -3.57 -17.34 23.49
C PRO A 95 -3.12 -18.25 24.61
N PRO A 96 -3.76 -19.42 24.78
CA PRO A 96 -4.78 -19.97 23.89
C PRO A 96 -6.21 -19.56 24.24
N ASP A 97 -6.39 -18.86 25.37
CA ASP A 97 -7.72 -18.41 25.76
C ASP A 97 -8.34 -17.53 24.70
N HIS A 98 -7.55 -16.59 24.15
CA HIS A 98 -8.04 -15.76 23.06
C HIS A 98 -8.34 -16.61 21.82
N THR A 99 -7.46 -17.56 21.51
CA THR A 99 -7.61 -18.37 20.31
C THR A 99 -8.95 -19.10 20.29
N ARG A 100 -9.41 -19.56 21.45
CA ARG A 100 -10.67 -20.29 21.50
C ARG A 100 -11.83 -19.42 21.06
N TYR A 101 -11.88 -18.17 21.53
CA TYR A 101 -12.86 -17.22 21.01
C TYR A 101 -12.67 -17.00 19.53
N ARG A 102 -11.42 -16.82 19.09
CA ARG A 102 -11.14 -16.37 17.73
C ARG A 102 -11.57 -17.42 16.71
N LYS A 103 -11.20 -18.69 16.92
CA LYS A 103 -11.63 -19.73 15.99
C LYS A 103 -13.14 -19.89 16.03
N LEU A 104 -13.74 -19.79 17.21
CA LEU A 104 -15.19 -19.90 17.33
C LEU A 104 -15.91 -18.81 16.55
N LEU A 105 -15.28 -17.64 16.39
CA LEU A 105 -15.96 -16.46 15.88
C LEU A 105 -15.47 -15.97 14.52
N ALA A 106 -14.21 -16.24 14.16
CA ALA A 106 -13.63 -15.60 12.98
C ALA A 106 -14.39 -15.96 11.71
N GLY A 107 -14.77 -17.23 11.54
CA GLY A 107 -15.46 -17.67 10.32
C GLY A 107 -16.87 -17.13 10.15
N LYS A 108 -17.34 -16.42 11.18
CA LYS A 108 -18.65 -15.79 11.31
C LYS A 108 -18.62 -14.31 11.01
N PHE A 109 -17.43 -13.72 10.95
CA PHE A 109 -17.24 -12.31 10.71
C PHE A 109 -16.49 -12.05 9.41
N THR A 110 -16.25 -13.09 8.61
CA THR A 110 -15.58 -12.91 7.33
C THR A 110 -16.37 -11.93 6.45
N MET A 111 -15.67 -11.37 5.45
CA MET A 111 -16.32 -10.40 4.58
C MET A 111 -17.44 -11.02 3.72
N ARG A 112 -17.29 -12.26 3.25
CA ARG A 112 -18.44 -12.94 2.63
C ARG A 112 -19.69 -12.93 3.51
N ARG A 113 -19.59 -13.42 4.75
CA ARG A 113 -20.80 -13.50 5.54
C ARG A 113 -21.29 -12.13 5.97
N MET A 114 -20.45 -11.10 5.89
CA MET A 114 -20.85 -9.77 6.34
C MET A 114 -21.47 -8.93 5.21
N ARG A 115 -20.98 -9.04 3.97
CA ARG A 115 -21.73 -8.48 2.86
C ARG A 115 -23.14 -9.03 2.81
N ARG A 116 -23.34 -10.24 3.31
CA ARG A 116 -24.66 -10.82 3.23
C ARG A 116 -25.63 -10.18 4.24
N LEU A 117 -25.18 -9.12 4.92
CA LEU A 117 -26.05 -8.20 5.63
C LEU A 117 -26.11 -6.83 4.97
N THR A 118 -25.67 -6.72 3.70
CA THR A 118 -25.57 -5.39 3.09
C THR A 118 -26.94 -4.75 2.93
N GLY A 119 -27.93 -5.52 2.48
CA GLY A 119 -29.27 -4.97 2.33
C GLY A 119 -29.84 -4.46 3.64
N SER A 120 -29.63 -5.20 4.72
CA SER A 120 -30.06 -4.74 6.04
C SER A 120 -29.39 -3.43 6.40
N ALA A 121 -28.10 -3.30 6.09
CA ALA A 121 -27.38 -2.07 6.38
C ALA A 121 -27.95 -0.89 5.59
N GLN A 122 -28.26 -1.10 4.31
CA GLN A 122 -28.75 0.01 3.51
C GLN A 122 -30.21 0.33 3.79
N GLU A 123 -30.95 -0.57 4.45
CA GLU A 123 -32.30 -0.19 4.89
C GLU A 123 -32.26 0.51 6.25
N ILE A 124 -31.37 0.09 7.14
CA ILE A 124 -31.17 0.81 8.40
C ILE A 124 -30.74 2.24 8.11
N VAL A 125 -29.79 2.41 7.19
CA VAL A 125 -29.35 3.75 6.80
C VAL A 125 -30.51 4.52 6.17
N ALA A 126 -31.26 3.86 5.29
CA ALA A 126 -32.39 4.52 4.63
C ALA A 126 -33.42 5.00 5.65
N GLY A 127 -33.75 4.16 6.63
CA GLY A 127 -34.73 4.55 7.63
C GLY A 127 -34.30 5.77 8.42
N LYS A 128 -33.04 5.82 8.83
CA LYS A 128 -32.56 6.96 9.61
C LYS A 128 -32.40 8.20 8.75
N LEU A 129 -31.99 8.04 7.50
CA LEU A 129 -31.96 9.18 6.57
C LEU A 129 -33.35 9.75 6.37
N ASP A 130 -34.39 8.90 6.38
CA ASP A 130 -35.76 9.38 6.29
C ASP A 130 -36.14 10.15 7.56
N ALA A 131 -35.78 9.63 8.73
CA ALA A 131 -36.11 10.30 9.97
C ALA A 131 -35.41 11.66 10.09
N MET A 132 -34.20 11.76 9.56
CA MET A 132 -33.47 13.03 9.59
C MET A 132 -34.22 14.11 8.81
N GLU A 133 -34.69 13.77 7.61
CA GLU A 133 -35.31 14.76 6.74
C GLU A 133 -36.63 15.26 7.34
N ARG A 134 -37.48 14.34 7.80
CA ARG A 134 -38.79 14.74 8.33
C ARG A 134 -38.65 15.59 9.58
N HIS A 135 -37.65 15.32 10.42
CA HIS A 135 -37.40 16.18 11.56
C HIS A 135 -36.87 17.54 11.12
N GLY A 136 -36.07 17.56 10.05
CA GLY A 136 -35.47 18.78 9.56
C GLY A 136 -34.23 19.17 10.36
N GLY A 137 -33.39 19.96 9.71
CA GLY A 137 -32.21 20.50 10.35
C GLY A 137 -32.51 21.80 11.07
N PRO A 138 -31.66 22.17 12.03
CA PRO A 138 -30.45 21.44 12.44
C PRO A 138 -30.75 20.29 13.39
N LEU A 139 -29.89 19.27 13.39
CA LEU A 139 -30.03 18.15 14.30
C LEU A 139 -28.65 17.56 14.59
N ASP A 140 -28.61 16.67 15.57
CA ASP A 140 -27.37 16.01 15.96
C ASP A 140 -27.22 14.72 15.15
N LEU A 141 -26.13 14.62 14.39
CA LEU A 141 -25.93 13.44 13.56
C LEU A 141 -25.71 12.18 14.40
N LEU A 142 -25.00 12.31 15.52
CA LEU A 142 -24.80 11.16 16.40
C LEU A 142 -26.12 10.59 16.88
N GLU A 143 -26.94 11.44 17.52
CA GLU A 143 -28.22 10.99 18.05
C GLU A 143 -29.12 10.43 16.96
N PHE A 144 -29.04 10.96 15.75
CA PHE A 144 -29.96 10.63 14.68
C PHE A 144 -29.45 9.56 13.73
N PHE A 145 -28.13 9.41 13.59
CA PHE A 145 -27.57 8.58 12.53
C PHE A 145 -26.34 7.82 13.01
N ALA A 146 -25.33 8.55 13.47
CA ALA A 146 -24.03 7.94 13.77
C ALA A 146 -24.14 6.86 14.84
N ARG A 147 -24.92 7.12 15.90
CA ARG A 147 -25.09 6.04 16.87
C ARG A 147 -26.19 5.01 16.52
N PRO A 148 -27.38 5.41 16.06
CA PRO A 148 -28.39 4.39 15.72
C PRO A 148 -27.91 3.35 14.73
N VAL A 149 -27.23 3.74 13.65
CA VAL A 149 -26.97 2.82 12.54
C VAL A 149 -26.14 1.62 12.97
N PRO A 150 -24.99 1.77 13.64
CA PRO A 150 -24.26 0.58 14.10
C PRO A 150 -24.92 -0.12 15.28
N THR A 151 -25.75 0.59 16.06
CA THR A 151 -26.49 -0.07 17.13
C THR A 151 -27.44 -1.12 16.55
N LEU A 152 -28.20 -0.75 15.52
CA LEU A 152 -29.12 -1.68 14.90
C LEU A 152 -28.41 -2.73 14.05
N MET A 153 -27.17 -2.47 13.65
CA MET A 153 -26.41 -3.49 12.93
C MET A 153 -25.99 -4.62 13.86
N VAL A 154 -25.54 -4.29 15.07
CA VAL A 154 -25.22 -5.32 16.05
C VAL A 154 -26.47 -6.06 16.47
N CYS A 155 -27.60 -5.34 16.58
CA CYS A 155 -28.87 -5.99 16.87
C CYS A 155 -29.25 -6.96 15.76
N ALA A 156 -29.15 -6.51 14.50
CA ALA A 156 -29.48 -7.38 13.37
C ALA A 156 -28.50 -8.55 13.26
N LEU A 157 -27.24 -8.33 13.63
CA LEU A 157 -26.27 -9.41 13.60
C LEU A 157 -26.58 -10.47 14.65
N LEU A 158 -26.96 -10.05 15.85
CA LEU A 158 -27.21 -10.96 16.96
C LEU A 158 -28.62 -11.53 16.98
N GLY A 159 -29.51 -11.06 16.12
CA GLY A 159 -30.89 -11.51 16.18
C GLY A 159 -31.69 -10.91 17.31
N VAL A 160 -31.43 -9.67 17.68
CA VAL A 160 -32.29 -8.92 18.61
C VAL A 160 -33.65 -8.69 17.97
N PRO A 161 -34.75 -9.04 18.66
CA PRO A 161 -36.08 -8.80 18.12
C PRO A 161 -36.31 -7.31 17.85
N LEU A 162 -37.01 -7.04 16.75
CA LEU A 162 -37.18 -5.65 16.30
C LEU A 162 -37.86 -4.80 17.36
N GLN A 163 -38.81 -5.37 18.10
CA GLN A 163 -39.49 -4.64 19.15
C GLN A 163 -38.60 -4.37 20.35
N ASP A 164 -37.40 -4.94 20.39
CA ASP A 164 -36.49 -4.79 21.53
C ASP A 164 -35.38 -3.78 21.26
N ARG A 165 -35.16 -3.38 20.01
CA ARG A 165 -34.00 -2.56 19.69
C ARG A 165 -34.08 -1.16 20.27
N ALA A 166 -35.28 -0.68 20.61
CA ALA A 166 -35.41 0.67 21.16
C ALA A 166 -34.63 0.84 22.45
N THR A 167 -34.53 -0.21 23.26
CA THR A 167 -33.90 -0.12 24.57
C THR A 167 -32.40 0.13 24.50
N PHE A 168 -31.80 0.11 23.32
CA PHE A 168 -30.35 0.05 23.19
C PHE A 168 -29.70 1.36 22.75
N HIS A 169 -30.46 2.39 22.44
CA HIS A 169 -29.86 3.67 22.09
C HIS A 169 -30.84 4.79 22.42
N PRO A 170 -30.35 5.99 22.75
CA PRO A 170 -31.24 7.09 23.17
C PRO A 170 -32.25 7.44 22.10
N PRO A 171 -33.51 7.71 22.50
CA PRO A 171 -34.52 8.15 21.51
C PRO A 171 -34.08 9.25 20.58
N VAL A 172 -34.09 8.92 19.28
CA VAL A 172 -34.10 9.90 18.20
C VAL A 172 -35.21 10.90 18.50
N ARG A 173 -34.85 12.16 18.71
CA ARG A 173 -35.83 13.16 19.13
C ARG A 173 -35.52 14.55 18.59
N TYR A 188 -36.54 6.35 28.99
CA TYR A 188 -35.30 5.70 28.59
C TYR A 188 -34.12 6.20 29.41
N VAL A 189 -33.42 5.27 30.06
CA VAL A 189 -32.16 5.57 30.76
C VAL A 189 -31.14 4.53 30.33
N GLU A 190 -29.95 5.00 29.94
CA GLU A 190 -28.90 4.15 29.41
C GLU A 190 -28.67 2.91 30.28
N MET A 191 -28.70 1.74 29.63
CA MET A 191 -28.60 0.49 30.36
C MET A 191 -27.19 0.28 30.90
N THR A 192 -27.10 -0.24 32.12
CA THR A 192 -25.82 -0.62 32.67
C THR A 192 -25.32 -1.91 32.01
N TYR A 193 -24.04 -2.19 32.22
CA TYR A 193 -23.44 -3.43 31.75
C TYR A 193 -24.11 -4.65 32.38
N ALA A 194 -24.72 -4.49 33.55
CA ALA A 194 -25.49 -5.56 34.16
C ALA A 194 -26.85 -5.73 33.50
N ASP A 195 -27.53 -4.62 33.18
CA ASP A 195 -28.81 -4.69 32.48
C ASP A 195 -28.69 -5.49 31.20
N MET A 196 -27.66 -5.18 30.39
CA MET A 196 -27.49 -5.85 29.11
C MET A 196 -27.33 -7.36 29.29
N GLN A 197 -26.66 -7.78 30.37
CA GLN A 197 -26.46 -9.20 30.61
C GLN A 197 -27.76 -9.89 30.96
N GLU A 198 -28.54 -9.31 31.87
CA GLU A 198 -29.82 -9.90 32.24
C GLU A 198 -30.75 -10.01 31.04
N TYR A 199 -30.68 -9.03 30.13
CA TYR A 199 -31.48 -9.13 28.91
C TYR A 199 -30.97 -10.25 28.01
N PHE A 200 -29.65 -10.34 27.83
CA PHE A 200 -29.12 -11.30 26.87
C PHE A 200 -29.20 -12.73 27.41
N ARG A 201 -29.20 -12.90 28.73
CA ARG A 201 -29.54 -14.21 29.30
C ARG A 201 -30.93 -14.63 28.83
N LYS A 202 -31.91 -13.75 29.00
CA LYS A 202 -33.26 -14.01 28.53
C LYS A 202 -33.28 -14.31 27.03
N LEU A 203 -32.55 -13.51 26.24
CA LEU A 203 -32.57 -13.71 24.80
C LEU A 203 -31.87 -15.00 24.40
N VAL A 204 -30.76 -15.35 25.07
CA VAL A 204 -30.05 -16.58 24.76
C VAL A 204 -30.94 -17.79 25.00
N ALA A 205 -31.67 -17.78 26.12
CA ALA A 205 -32.56 -18.91 26.43
C ALA A 205 -33.65 -19.05 25.38
N ALA A 206 -34.15 -17.94 24.84
CA ALA A 206 -35.13 -18.01 23.78
C ALA A 206 -34.52 -18.52 22.48
N LYS A 207 -33.24 -18.24 22.24
CA LYS A 207 -32.58 -18.75 21.05
C LYS A 207 -32.38 -20.26 21.11
N ARG A 208 -32.20 -20.81 22.30
CA ARG A 208 -32.01 -22.26 22.44
C ARG A 208 -33.28 -23.01 22.05
N ALA A 209 -34.42 -22.60 22.61
CA ALA A 209 -35.68 -23.25 22.26
C ALA A 209 -36.09 -22.94 20.83
N ALA A 210 -35.71 -21.79 20.29
CA ALA A 210 -36.09 -21.37 18.95
C ALA A 210 -34.93 -20.64 18.28
N PRO A 211 -34.04 -21.37 17.62
CA PRO A 211 -32.96 -20.72 16.89
C PRO A 211 -33.45 -20.11 15.58
N ALA A 212 -32.76 -19.06 15.16
CA ALA A 212 -33.10 -18.35 13.94
C ALA A 212 -31.86 -18.26 13.06
N ASP A 213 -31.89 -17.34 12.10
CA ASP A 213 -30.76 -17.11 11.18
C ASP A 213 -30.00 -15.89 11.66
N ASP A 214 -29.21 -16.07 12.71
CA ASP A 214 -28.42 -14.98 13.27
C ASP A 214 -27.23 -15.57 14.02
N LEU A 215 -26.30 -14.69 14.38
CA LEU A 215 -25.06 -15.12 15.03
C LEU A 215 -25.32 -15.72 16.40
N LEU A 216 -26.20 -15.10 17.19
CA LEU A 216 -26.43 -15.57 18.56
C LEU A 216 -27.11 -16.94 18.58
N SER A 217 -27.92 -17.26 17.56
CA SER A 217 -28.51 -18.58 17.48
C SER A 217 -27.44 -19.65 17.26
N ASP A 218 -26.51 -19.38 16.34
CA ASP A 218 -25.43 -20.33 16.08
C ASP A 218 -24.59 -20.58 17.32
N LEU A 219 -24.40 -19.55 18.13
CA LEU A 219 -23.48 -19.62 19.26
C LEU A 219 -24.07 -20.32 20.47
N THR A 220 -25.39 -20.57 20.50
CA THR A 220 -25.93 -21.37 21.59
C THR A 220 -25.43 -22.81 21.54
N THR A 221 -25.11 -23.31 20.35
CA THR A 221 -24.64 -24.68 20.20
C THR A 221 -23.13 -24.76 20.33
N SER A 222 -22.49 -23.71 20.80
CA SER A 222 -21.04 -23.63 20.88
C SER A 222 -20.59 -24.08 22.27
N ASP A 223 -19.31 -23.90 22.56
CA ASP A 223 -18.74 -24.27 23.86
C ASP A 223 -18.83 -23.15 24.88
N LEU A 224 -19.15 -21.93 24.46
CA LEU A 224 -19.24 -20.81 25.39
C LEU A 224 -20.28 -21.08 26.46
N THR A 225 -19.92 -20.80 27.71
CA THR A 225 -20.90 -20.84 28.79
C THR A 225 -21.92 -19.73 28.60
N GLU A 226 -22.97 -19.77 29.43
CA GLU A 226 -23.93 -18.67 29.44
C GLU A 226 -23.25 -17.36 29.81
N ASP A 227 -22.33 -17.40 30.78
CA ASP A 227 -21.66 -16.18 31.22
C ASP A 227 -20.84 -15.56 30.10
N GLU A 228 -20.00 -16.36 29.45
CA GLU A 228 -19.14 -15.85 28.37
C GLU A 228 -19.96 -15.28 27.23
N LEU A 229 -20.94 -16.06 26.74
CA LEU A 229 -21.72 -15.62 25.59
C LEU A 229 -22.57 -14.40 25.92
N VAL A 230 -23.15 -14.36 27.11
CA VAL A 230 -23.90 -13.18 27.53
C VAL A 230 -22.97 -11.98 27.66
N GLY A 231 -21.79 -12.19 28.28
CA GLY A 231 -20.82 -11.12 28.36
C GLY A 231 -20.34 -10.67 26.98
N LEU A 232 -20.18 -11.61 26.05
CA LEU A 232 -19.75 -11.27 24.71
C LEU A 232 -20.77 -10.37 24.01
N CYS A 233 -22.06 -10.65 24.20
CA CYS A 233 -23.09 -9.84 23.58
C CYS A 233 -23.05 -8.40 24.09
N ALA A 234 -22.89 -8.23 25.41
CA ALA A 234 -22.83 -6.88 25.97
C ALA A 234 -21.59 -6.14 25.51
N VAL A 235 -20.51 -6.86 25.18
CA VAL A 235 -19.29 -6.20 24.72
C VAL A 235 -19.48 -5.69 23.30
N MET A 236 -20.07 -6.51 22.42
CA MET A 236 -20.27 -6.09 21.04
C MET A 236 -21.26 -4.93 20.95
N MET A 237 -22.21 -4.85 21.88
CA MET A 237 -23.14 -3.72 21.88
C MET A 237 -22.42 -2.40 22.12
N HIS A 238 -21.32 -2.42 22.86
CA HIS A 238 -20.50 -1.23 23.07
C HIS A 238 -19.32 -1.16 22.09
N ALA A 239 -18.58 -2.26 21.95
CA ALA A 239 -17.42 -2.26 21.07
C ALA A 239 -17.82 -2.06 19.62
N GLY A 240 -18.96 -2.60 19.22
CA GLY A 240 -19.41 -2.48 17.84
C GLY A 240 -20.06 -1.16 17.49
N VAL A 241 -20.32 -0.31 18.47
CA VAL A 241 -21.06 0.93 18.26
C VAL A 241 -20.15 2.16 18.39
N ASP A 242 -19.39 2.24 19.48
CA ASP A 242 -18.70 3.48 19.82
C ASP A 242 -17.73 3.92 18.74
N SER A 243 -16.82 3.02 18.33
CA SER A 243 -15.83 3.39 17.32
C SER A 243 -16.48 3.59 15.96
N THR A 244 -17.48 2.78 15.62
CA THR A 244 -18.17 2.95 14.35
C THR A 244 -18.91 4.29 14.30
N SER A 245 -19.64 4.61 15.37
N SER A 245 -19.63 4.63 15.37
CA SER A 245 -20.36 5.88 15.43
CA SER A 245 -20.37 5.88 15.42
C SER A 245 -19.43 7.07 15.24
C SER A 245 -19.44 7.08 15.25
N ASN A 246 -18.29 7.05 15.93
CA ASN A 246 -17.37 8.18 15.83
C ASN A 246 -16.64 8.21 14.50
N MET A 247 -16.46 7.06 13.85
CA MET A 247 -15.96 7.07 12.48
C MET A 247 -16.98 7.71 11.55
N LEU A 248 -18.26 7.33 11.68
CA LEU A 248 -19.30 7.93 10.85
C LEU A 248 -19.40 9.43 11.10
N ALA A 249 -19.24 9.87 12.35
CA ALA A 249 -19.33 11.29 12.65
C ALA A 249 -18.11 12.04 12.13
N LEU A 250 -16.91 11.60 12.50
CA LEU A 250 -15.70 12.31 12.10
C LEU A 250 -15.51 12.26 10.58
N GLY A 251 -15.81 11.12 9.96
CA GLY A 251 -15.66 11.01 8.52
C GLY A 251 -16.65 11.88 7.76
N THR A 252 -17.90 11.92 8.22
CA THR A 252 -18.88 12.83 7.64
C THR A 252 -18.42 14.27 7.78
N TRP A 253 -17.91 14.63 8.97
CA TRP A 253 -17.41 15.98 9.19
C TRP A 253 -16.23 16.28 8.27
N ALA A 254 -15.38 15.29 8.01
CA ALA A 254 -14.22 15.53 7.15
C ALA A 254 -14.62 15.60 5.68
N LEU A 255 -15.59 14.78 5.27
CA LEU A 255 -15.96 14.74 3.85
C LEU A 255 -16.68 16.01 3.43
N LEU A 256 -17.55 16.55 4.29
CA LEU A 256 -18.28 17.75 3.93
C LEU A 256 -17.38 18.98 3.82
N GLU A 257 -16.23 18.97 4.49
CA GLU A 257 -15.25 20.05 4.33
C GLU A 257 -14.47 19.96 3.02
N ARG A 258 -14.56 18.84 2.32
CA ARG A 258 -13.74 18.60 1.13
C ARG A 258 -14.64 18.21 -0.04
N PRO A 259 -15.40 19.17 -0.58
CA PRO A 259 -16.34 18.83 -1.66
C PRO A 259 -15.68 18.28 -2.91
N ASP A 260 -14.37 18.47 -3.07
CA ASP A 260 -13.66 17.80 -4.16
C ASP A 260 -13.60 16.30 -3.94
N GLN A 261 -13.42 15.88 -2.67
CA GLN A 261 -13.49 14.46 -2.35
C GLN A 261 -14.88 13.92 -2.61
N LEU A 262 -15.91 14.69 -2.23
CA LEU A 262 -17.29 14.26 -2.41
C LEU A 262 -17.65 14.12 -3.89
N ALA A 263 -17.18 15.05 -4.72
CA ALA A 263 -17.45 14.98 -6.15
C ALA A 263 -16.86 13.72 -6.77
N ALA A 264 -15.68 13.31 -6.30
CA ALA A 264 -15.06 12.09 -6.83
C ALA A 264 -15.81 10.85 -6.38
N LEU A 265 -16.28 10.85 -5.13
CA LEU A 265 -17.10 9.73 -4.67
C LEU A 265 -18.47 9.73 -5.35
N ARG A 266 -18.99 10.91 -5.66
CA ARG A 266 -20.26 11.02 -6.40
C ARG A 266 -20.12 10.48 -7.82
N GLU A 267 -18.97 10.70 -8.46
CA GLU A 267 -18.83 10.39 -9.88
C GLU A 267 -18.68 8.88 -10.11
N ARG A 268 -17.57 8.31 -9.64
CA ARG A 268 -17.33 6.90 -9.36
C ARG A 268 -17.57 6.46 -7.93
N PRO A 269 -18.78 5.96 -7.67
CA PRO A 269 -19.15 5.53 -6.30
C PRO A 269 -18.41 4.30 -5.80
N ASP A 270 -17.72 3.55 -6.68
CA ASP A 270 -16.95 2.42 -6.19
C ASP A 270 -15.68 2.85 -5.47
N LEU A 271 -15.37 4.15 -5.45
CA LEU A 271 -14.34 4.66 -4.55
C LEU A 271 -14.75 4.58 -3.09
N ALA A 272 -16.00 4.19 -2.81
CA ALA A 272 -16.47 4.08 -1.43
C ALA A 272 -15.58 3.19 -0.59
N ASP A 273 -15.08 2.10 -1.17
CA ASP A 273 -14.25 1.16 -0.40
C ASP A 273 -12.90 1.78 -0.06
N ARG A 274 -12.26 2.42 -1.05
CA ARG A 274 -11.03 3.16 -0.79
C ARG A 274 -11.28 4.31 0.18
N ALA A 275 -12.43 4.96 0.06
CA ALA A 275 -12.73 6.13 0.90
C ALA A 275 -12.84 5.73 2.36
N VAL A 276 -13.43 4.57 2.64
CA VAL A 276 -13.57 4.12 4.02
C VAL A 276 -12.20 3.85 4.63
N GLU A 277 -11.32 3.18 3.89
CA GLU A 277 -10.00 2.84 4.42
C GLU A 277 -9.18 4.10 4.72
N GLU A 278 -9.19 5.07 3.81
CA GLU A 278 -8.44 6.30 4.04
C GLU A 278 -8.97 7.05 5.26
N LEU A 279 -10.29 7.01 5.48
CA LEU A 279 -10.85 7.63 6.67
C LEU A 279 -10.43 6.88 7.93
N MET A 280 -10.36 5.55 7.85
CA MET A 280 -9.83 4.77 8.96
C MET A 280 -8.40 5.16 9.28
N ARG A 281 -7.58 5.37 8.26
CA ARG A 281 -6.19 5.74 8.48
C ARG A 281 -6.06 7.18 8.98
N TYR A 282 -6.89 8.08 8.45
CA TYR A 282 -6.77 9.48 8.83
C TYR A 282 -7.21 9.71 10.27
N MET A 283 -8.27 9.03 10.72
CA MET A 283 -8.89 9.32 12.00
C MET A 283 -8.26 8.53 13.15
N SER A 284 -8.08 7.24 12.97
CA SER A 284 -7.46 6.36 13.98
C SER A 284 -8.10 6.58 15.36
N VAL A 285 -9.41 6.32 15.43
CA VAL A 285 -10.16 6.60 16.65
C VAL A 285 -9.63 5.77 17.82
N VAL A 286 -9.20 4.55 17.55
CA VAL A 286 -8.46 3.76 18.56
C VAL A 286 -7.01 4.19 18.42
N HIS A 287 -6.68 5.29 19.10
CA HIS A 287 -5.45 6.03 18.84
C HIS A 287 -4.25 5.49 19.59
N THR A 288 -4.45 4.82 20.73
CA THR A 288 -3.34 4.43 21.58
C THR A 288 -3.66 3.12 22.28
N GLY A 289 -2.64 2.29 22.45
CA GLY A 289 -2.77 1.09 23.25
C GLY A 289 -1.45 0.70 23.86
N SER A 290 -1.39 -0.47 24.49
CA SER A 290 -0.13 -0.98 25.00
C SER A 290 -0.20 -2.48 25.12
N ARG A 291 0.96 -3.12 24.96
CA ARG A 291 1.13 -4.53 25.27
C ARG A 291 2.32 -4.67 26.23
N ALA A 292 2.42 -5.83 26.86
CA ALA A 292 3.53 -6.12 27.76
C ALA A 292 4.36 -7.26 27.20
N ALA A 293 5.67 -7.19 27.39
CA ALA A 293 6.58 -8.22 26.91
C ALA A 293 6.48 -9.44 27.82
N LEU A 294 5.92 -10.54 27.29
CA LEU A 294 5.95 -11.79 28.03
C LEU A 294 7.37 -12.31 28.18
N GLU A 295 8.22 -12.07 27.17
CA GLU A 295 9.62 -12.44 27.21
C GLU A 295 10.44 -11.29 26.65
N ASP A 296 11.76 -11.38 26.81
CA ASP A 296 12.65 -10.44 26.15
C ASP A 296 12.45 -10.52 24.64
N VAL A 297 12.21 -9.38 24.01
CA VAL A 297 11.93 -9.31 22.58
C VAL A 297 12.79 -8.22 21.97
N GLU A 298 13.58 -8.56 20.96
CA GLU A 298 14.32 -7.57 20.20
C GLU A 298 13.38 -6.87 19.25
N LEU A 299 13.28 -5.55 19.36
CA LEU A 299 12.32 -4.76 18.60
C LEU A 299 12.98 -3.45 18.19
N ALA A 300 12.99 -3.18 16.88
CA ALA A 300 13.56 -1.94 16.34
C ALA A 300 15.01 -1.78 16.77
N GLY A 301 15.77 -2.85 16.62
CA GLY A 301 17.16 -2.84 16.99
C GLY A 301 17.43 -2.71 18.46
N GLU A 302 16.49 -3.09 19.33
CA GLU A 302 16.79 -2.86 20.73
C GLU A 302 15.83 -3.73 21.54
N VAL A 303 16.31 -4.21 22.69
CA VAL A 303 15.68 -5.36 23.36
C VAL A 303 14.64 -4.88 24.36
N VAL A 304 13.40 -5.33 24.18
CA VAL A 304 12.33 -5.04 25.13
C VAL A 304 12.41 -6.04 26.28
N ARG A 305 12.79 -5.55 27.46
CA ARG A 305 12.87 -6.40 28.64
C ARG A 305 11.53 -7.08 28.93
N ALA A 306 11.59 -8.33 29.37
CA ALA A 306 10.38 -9.04 29.77
C ALA A 306 9.72 -8.35 30.96
N GLY A 307 8.42 -8.13 30.86
CA GLY A 307 7.69 -7.38 31.87
C GLY A 307 7.58 -5.90 31.59
N GLU A 308 8.20 -5.40 30.52
CA GLU A 308 8.05 -4.02 30.11
C GLU A 308 6.83 -3.86 29.23
N SER A 309 6.07 -2.79 29.46
CA SER A 309 4.97 -2.44 28.58
C SER A 309 5.50 -1.63 27.40
N VAL A 310 4.99 -1.95 26.22
CA VAL A 310 5.28 -1.18 25.01
C VAL A 310 3.97 -0.52 24.59
N ALA A 311 3.78 0.74 24.99
CA ALA A 311 2.68 1.52 24.47
C ALA A 311 2.91 1.77 22.99
N PHE A 312 1.81 1.81 22.24
CA PHE A 312 1.88 2.04 20.80
C PHE A 312 0.86 3.09 20.40
N SER A 313 1.24 3.92 19.45
CA SER A 313 0.36 4.95 18.91
C SER A 313 -0.10 4.51 17.52
N VAL A 314 -1.35 4.06 17.44
CA VAL A 314 -1.93 3.74 16.14
C VAL A 314 -1.99 5.00 15.26
N GLN A 315 -2.34 6.14 15.86
CA GLN A 315 -2.54 7.34 15.07
C GLN A 315 -1.23 7.88 14.50
N ALA A 316 -0.15 7.80 15.28
CA ALA A 316 1.15 8.20 14.75
C ALA A 316 1.64 7.21 13.70
N ALA A 317 1.29 5.93 13.86
CA ALA A 317 1.70 4.93 12.87
C ALA A 317 0.93 5.09 11.56
N ASN A 318 -0.29 5.64 11.62
CA ASN A 318 -1.08 5.86 10.42
C ASN A 318 -0.75 7.19 9.73
N ARG A 319 0.09 8.01 10.35
CA ARG A 319 0.65 9.20 9.70
C ARG A 319 2.15 9.06 9.48
N ASP A 320 2.67 7.85 9.53
CA ASP A 320 4.10 7.60 9.40
C ASP A 320 4.53 7.80 7.96
N PRO A 321 5.31 8.84 7.63
CA PRO A 321 5.75 9.04 6.25
C PRO A 321 6.66 7.93 5.74
N ALA A 322 7.18 7.06 6.62
CA ALA A 322 7.90 5.88 6.17
C ALA A 322 6.96 4.94 5.41
N ARG A 323 5.69 4.91 5.77
CA ARG A 323 4.70 4.01 5.18
C ARG A 323 3.77 4.70 4.20
N PHE A 324 3.36 5.94 4.48
CA PHE A 324 2.40 6.65 3.66
C PHE A 324 3.00 7.96 3.16
N ALA A 325 3.04 8.13 1.84
CA ALA A 325 3.42 9.41 1.27
C ALA A 325 2.30 10.43 1.45
N ASP A 326 2.67 11.67 1.76
CA ASP A 326 1.76 12.72 2.16
C ASP A 326 0.75 12.18 3.20
N PRO A 327 1.24 11.71 4.35
CA PRO A 327 0.33 11.01 5.27
C PRO A 327 -0.69 11.91 5.94
N ASP A 328 -0.33 13.16 6.22
CA ASP A 328 -1.24 14.11 6.83
C ASP A 328 -2.22 14.71 5.82
N THR A 329 -2.28 14.17 4.62
CA THR A 329 -3.22 14.60 3.59
C THR A 329 -4.36 13.60 3.49
N LEU A 330 -5.59 14.09 3.57
CA LEU A 330 -6.76 13.24 3.34
C LEU A 330 -7.01 13.13 1.85
N ASP A 331 -7.00 11.90 1.34
CA ASP A 331 -7.16 11.65 -0.10
C ASP A 331 -7.79 10.28 -0.26
N ILE A 332 -9.10 10.25 -0.52
CA ILE A 332 -9.80 8.98 -0.65
C ILE A 332 -9.43 8.24 -1.93
N ARG A 333 -8.70 8.88 -2.85
CA ARG A 333 -8.30 8.21 -4.08
C ARG A 333 -7.24 7.14 -3.84
N ARG A 334 -6.28 7.41 -2.94
CA ARG A 334 -5.24 6.44 -2.62
C ARG A 334 -5.66 5.37 -1.62
N GLY A 335 -6.67 5.67 -0.80
CA GLY A 335 -6.98 4.83 0.35
C GLY A 335 -6.96 3.34 0.07
N ALA A 336 -5.96 2.65 0.61
CA ALA A 336 -5.87 1.20 0.46
C ALA A 336 -5.73 0.56 1.84
N VAL A 337 -5.46 -0.75 1.89
CA VAL A 337 -5.25 -1.40 3.18
C VAL A 337 -3.78 -1.23 3.56
N GLY A 338 -3.44 -1.64 4.78
CA GLY A 338 -2.12 -1.40 5.36
C GLY A 338 -2.18 -0.52 6.59
N HIS A 339 -3.21 0.33 6.69
CA HIS A 339 -3.42 1.13 7.88
C HIS A 339 -3.68 0.23 9.08
N LEU A 340 -3.41 0.77 10.27
CA LEU A 340 -3.58 0.04 11.51
C LEU A 340 -4.82 0.50 12.28
N GLY A 341 -5.78 1.13 11.60
CA GLY A 341 -6.99 1.60 12.24
C GLY A 341 -7.84 0.49 12.82
N PHE A 342 -7.76 -0.72 12.28
CA PHE A 342 -8.43 -1.88 12.83
C PHE A 342 -7.50 -2.75 13.66
N GLY A 343 -6.29 -2.27 13.94
CA GLY A 343 -5.32 -3.08 14.63
C GLY A 343 -4.63 -4.05 13.70
N TYR A 344 -3.93 -5.00 14.32
CA TYR A 344 -3.09 -5.94 13.58
C TYR A 344 -2.81 -7.13 14.49
N GLY A 345 -2.44 -8.25 13.88
CA GLY A 345 -2.10 -9.43 14.65
C GLY A 345 -3.33 -10.23 15.06
N VAL A 346 -3.15 -11.01 16.13
CA VAL A 346 -4.19 -11.95 16.53
C VAL A 346 -5.42 -11.22 17.07
N HIS A 347 -5.24 -10.02 17.64
CA HIS A 347 -6.35 -9.24 18.18
C HIS A 347 -6.96 -8.30 17.14
N GLN A 348 -6.63 -8.46 15.87
CA GLN A 348 -7.14 -7.53 14.86
C GLN A 348 -8.66 -7.58 14.82
N CYS A 349 -9.28 -6.39 14.79
CA CYS A 349 -10.71 -6.18 14.95
C CYS A 349 -11.58 -7.27 14.33
N LEU A 350 -12.27 -8.03 15.19
CA LEU A 350 -13.17 -9.08 14.72
C LEU A 350 -14.31 -8.50 13.90
N GLY A 351 -14.82 -7.33 14.28
CA GLY A 351 -15.93 -6.71 13.59
C GLY A 351 -15.55 -5.86 12.40
N MET A 352 -14.31 -5.97 11.91
CA MET A 352 -13.81 -5.02 10.93
C MET A 352 -14.49 -5.17 9.57
N GLN A 353 -14.93 -6.37 9.20
CA GLN A 353 -15.65 -6.52 7.95
C GLN A 353 -17.10 -6.07 8.08
N LEU A 354 -17.70 -6.24 9.27
CA LEU A 354 -19.03 -5.68 9.51
C LEU A 354 -18.98 -4.16 9.47
N ALA A 355 -17.99 -3.57 10.15
CA ALA A 355 -17.88 -2.11 10.17
C ALA A 355 -17.65 -1.55 8.77
N ARG A 356 -16.87 -2.26 7.95
CA ARG A 356 -16.63 -1.81 6.58
C ARG A 356 -17.94 -1.76 5.80
N VAL A 357 -18.78 -2.78 5.94
CA VAL A 357 -20.05 -2.80 5.22
C VAL A 357 -20.92 -1.61 5.61
N GLU A 358 -20.98 -1.31 6.90
CA GLU A 358 -21.77 -0.17 7.38
C GLU A 358 -21.30 1.13 6.74
N MET A 359 -20.02 1.46 6.93
CA MET A 359 -19.50 2.72 6.42
C MET A 359 -19.56 2.78 4.90
N ARG A 360 -19.23 1.67 4.23
CA ARG A 360 -19.34 1.62 2.77
C ARG A 360 -20.74 1.97 2.30
N VAL A 361 -21.76 1.59 3.08
CA VAL A 361 -23.13 1.94 2.74
C VAL A 361 -23.46 3.35 3.24
N ALA A 362 -23.03 3.67 4.46
CA ALA A 362 -23.54 4.86 5.14
C ALA A 362 -22.96 6.16 4.57
N PHE A 363 -21.64 6.21 4.34
CA PHE A 363 -21.02 7.47 3.90
C PHE A 363 -21.57 7.96 2.57
N PRO A 364 -21.57 7.18 1.48
CA PRO A 364 -22.15 7.71 0.24
C PRO A 364 -23.65 7.92 0.32
N ALA A 365 -24.35 7.20 1.21
CA ALA A 365 -25.79 7.36 1.33
C ALA A 365 -26.14 8.69 1.98
N LEU A 366 -25.35 9.10 2.98
CA LEU A 366 -25.58 10.38 3.65
C LEU A 366 -25.60 11.53 2.64
N PHE A 367 -24.55 11.62 1.83
CA PHE A 367 -24.37 12.76 0.94
C PHE A 367 -25.20 12.64 -0.33
N ALA A 368 -25.60 11.43 -0.72
CA ALA A 368 -26.55 11.29 -1.82
C ALA A 368 -27.90 11.88 -1.43
N ARG A 369 -28.30 11.71 -0.17
CA ARG A 369 -29.58 12.22 0.30
C ARG A 369 -29.48 13.70 0.68
N PHE A 370 -28.37 14.11 1.28
CA PHE A 370 -28.15 15.49 1.72
C PHE A 370 -26.85 15.98 1.11
N PRO A 371 -26.86 16.40 -0.16
CA PRO A 371 -25.62 16.84 -0.81
C PRO A 371 -25.04 18.10 -0.17
N ALA A 372 -25.87 18.99 0.36
CA ALA A 372 -25.41 20.21 1.01
C ALA A 372 -25.32 20.04 2.52
N LEU A 373 -25.17 18.82 3.00
CA LEU A 373 -24.98 18.59 4.43
C LEU A 373 -23.76 19.36 4.93
N ARG A 374 -23.90 19.97 6.11
CA ARG A 374 -22.86 20.84 6.64
C ARG A 374 -23.09 21.03 8.13
N LEU A 375 -22.04 21.48 8.82
CA LEU A 375 -22.13 21.71 10.26
C LEU A 375 -23.17 22.80 10.56
N ALA A 376 -23.84 22.66 11.69
CA ALA A 376 -24.80 23.64 12.17
C ALA A 376 -24.18 24.61 13.16
N VAL A 377 -22.89 24.49 13.43
CA VAL A 377 -22.16 25.37 14.33
C VAL A 377 -20.79 25.60 13.71
N PRO A 378 -19.98 26.55 14.20
CA PRO A 378 -18.59 26.62 13.76
C PRO A 378 -17.84 25.35 14.17
N ALA A 379 -16.90 24.94 13.32
CA ALA A 379 -16.13 23.72 13.58
C ALA A 379 -15.42 23.79 14.93
N GLY A 380 -15.00 24.98 15.35
CA GLY A 380 -14.37 25.14 16.64
C GLY A 380 -15.30 24.96 17.83
N ASP A 381 -16.61 24.87 17.58
CA ASP A 381 -17.58 24.65 18.64
C ASP A 381 -18.03 23.20 18.76
N VAL A 382 -17.56 22.33 17.86
CA VAL A 382 -17.89 20.91 17.93
C VAL A 382 -17.26 20.33 19.20
N PRO A 383 -18.05 19.74 20.09
CA PRO A 383 -17.49 19.18 21.33
C PRO A 383 -16.70 17.90 21.08
N MET A 384 -15.38 17.98 21.23
CA MET A 384 -14.52 16.82 21.08
C MET A 384 -14.55 15.98 22.35
N ARG A 385 -14.22 14.70 22.18
CA ARG A 385 -14.04 13.83 23.33
C ARG A 385 -12.70 14.11 24.00
N ASP A 386 -12.60 13.72 25.28
CA ASP A 386 -11.40 14.00 26.05
C ASP A 386 -10.21 13.28 25.46
N ASP A 387 -9.03 13.90 25.60
CA ASP A 387 -7.81 13.40 24.97
C ASP A 387 -7.49 11.96 25.38
N LEU A 388 -7.82 11.59 26.61
CA LEU A 388 -7.44 10.29 27.15
C LEU A 388 -8.53 9.23 26.96
N VAL A 389 -9.64 9.57 26.31
CA VAL A 389 -10.72 8.63 26.09
C VAL A 389 -10.41 7.75 24.89
N ILE A 390 -10.84 6.49 24.95
CA ILE A 390 -10.73 5.56 23.84
C ILE A 390 -12.14 5.10 23.50
N PRO A 391 -12.62 5.25 22.25
CA PRO A 391 -12.02 5.89 21.08
C PRO A 391 -12.15 7.42 21.05
N TYR A 392 -11.32 8.06 20.24
CA TYR A 392 -11.46 9.48 19.95
C TYR A 392 -12.75 9.72 19.17
N GLY A 393 -13.21 10.96 19.18
CA GLY A 393 -14.42 11.32 18.48
C GLY A 393 -15.06 12.57 19.07
N VAL A 394 -16.36 12.71 18.82
CA VAL A 394 -17.12 13.87 19.25
C VAL A 394 -18.30 13.39 20.09
N HIS A 395 -18.72 14.25 21.03
CA HIS A 395 -19.91 13.96 21.83
C HIS A 395 -21.20 14.16 21.06
N ARG A 396 -21.20 15.03 20.03
CA ARG A 396 -22.23 15.18 18.99
C ARG A 396 -21.68 16.07 17.89
N LEU A 397 -22.50 16.17 16.85
CA LEU A 397 -22.12 16.89 15.64
C LEU A 397 -23.36 17.52 15.03
N PRO A 398 -23.66 18.77 15.38
CA PRO A 398 -24.83 19.45 14.81
C PRO A 398 -24.65 19.69 13.33
N VAL A 399 -25.62 19.24 12.54
CA VAL A 399 -25.57 19.33 11.09
C VAL A 399 -26.90 19.85 10.57
N THR A 400 -26.85 20.43 9.37
CA THR A 400 -28.04 20.88 8.67
C THR A 400 -27.77 20.79 7.18
N TRP A 401 -28.83 20.95 6.38
CA TRP A 401 -28.71 20.82 4.93
C TRP A 401 -29.64 21.79 4.21
N PRO B 8 30.71 -1.82 6.71
CA PRO B 8 31.63 -2.91 7.04
C PRO B 8 31.34 -4.18 6.24
N THR B 9 30.11 -4.29 5.73
CA THR B 9 29.71 -5.43 4.92
C THR B 9 29.74 -5.05 3.44
N GLY B 10 29.92 -6.08 2.59
CA GLY B 10 29.79 -5.89 1.17
C GLY B 10 28.37 -6.16 0.69
N LEU B 11 28.12 -5.82 -0.56
CA LEU B 11 26.80 -6.01 -1.14
C LEU B 11 26.60 -7.47 -1.52
N PRO B 12 25.65 -8.18 -0.90
CA PRO B 12 25.38 -9.57 -1.32
C PRO B 12 24.66 -9.59 -2.66
N THR B 13 25.13 -10.44 -3.57
CA THR B 13 24.64 -10.45 -4.95
C THR B 13 24.27 -11.82 -5.48
N ALA B 14 24.64 -12.91 -4.80
CA ALA B 14 24.43 -14.26 -5.33
C ALA B 14 23.04 -14.76 -4.98
N ARG B 15 22.30 -15.20 -5.99
CA ARG B 15 20.93 -15.67 -5.81
C ARG B 15 20.92 -17.16 -5.48
N ALA B 16 19.87 -17.58 -4.77
CA ALA B 16 19.66 -19.00 -4.51
C ALA B 16 19.44 -19.75 -5.82
N ALA B 17 20.07 -20.91 -5.94
CA ALA B 17 20.18 -21.65 -7.19
C ALA B 17 18.85 -21.81 -7.92
N GLY B 18 17.93 -22.57 -7.33
CA GLY B 18 16.65 -22.84 -7.98
C GLY B 18 15.58 -21.81 -7.72
N CYS B 19 15.99 -20.59 -7.32
CA CYS B 19 15.07 -19.50 -7.04
C CYS B 19 15.52 -18.27 -7.82
N PRO B 20 15.44 -18.32 -9.15
CA PRO B 20 16.07 -17.26 -9.96
C PRO B 20 15.39 -15.91 -9.85
N PHE B 21 14.15 -15.83 -9.37
CA PHE B 21 13.46 -14.56 -9.29
C PHE B 21 13.74 -13.81 -7.99
N ASP B 22 13.96 -14.53 -6.90
CA ASP B 22 14.08 -13.89 -5.59
C ASP B 22 15.44 -13.23 -5.42
N PRO B 23 15.51 -12.16 -4.65
CA PRO B 23 16.79 -11.46 -4.43
C PRO B 23 17.78 -12.35 -3.69
N PRO B 24 19.06 -12.00 -3.71
CA PRO B 24 20.06 -12.75 -2.94
C PRO B 24 19.65 -12.88 -1.48
N PRO B 25 19.89 -14.06 -0.88
CA PRO B 25 19.41 -14.27 0.50
C PRO B 25 20.01 -13.30 1.51
N GLY B 26 21.26 -12.91 1.35
CA GLY B 26 21.92 -12.07 2.34
C GLY B 26 21.30 -10.69 2.49
N LEU B 27 20.49 -10.26 1.52
CA LEU B 27 19.93 -8.91 1.58
C LEU B 27 18.86 -8.80 2.67
N ALA B 28 18.01 -9.83 2.81
CA ALA B 28 16.94 -9.77 3.80
C ALA B 28 17.47 -9.83 5.22
N ALA B 29 18.61 -10.49 5.44
CA ALA B 29 19.22 -10.49 6.76
C ALA B 29 19.67 -9.09 7.17
N LEU B 30 20.28 -8.36 6.24
CA LEU B 30 20.64 -6.98 6.51
C LEU B 30 19.39 -6.12 6.70
N ARG B 31 18.37 -6.31 5.87
CA ARG B 31 17.18 -5.47 5.93
C ARG B 31 16.46 -5.63 7.26
N ASP B 32 16.38 -6.86 7.78
CA ASP B 32 15.72 -7.08 9.06
C ASP B 32 16.52 -6.46 10.20
N ARG B 33 17.84 -6.63 10.20
CA ARG B 33 18.67 -6.07 11.27
C ARG B 33 18.77 -4.55 11.15
N ALA B 34 19.12 -4.06 9.97
CA ALA B 34 19.28 -2.62 9.76
C ALA B 34 18.89 -2.23 8.34
N PRO B 35 17.76 -1.55 8.15
CA PRO B 35 17.37 -1.13 6.79
C PRO B 35 18.34 -0.14 6.17
N LEU B 36 19.16 0.53 6.97
CA LEU B 36 20.28 1.34 6.49
C LEU B 36 21.51 0.97 7.28
N THR B 37 22.51 0.42 6.59
CA THR B 37 23.71 -0.09 7.26
C THR B 37 24.94 0.33 6.48
N ARG B 38 26.08 0.27 7.15
CA ARG B 38 27.35 0.61 6.52
C ARG B 38 27.72 -0.45 5.48
N MET B 39 28.25 0.01 4.35
CA MET B 39 28.64 -0.87 3.26
C MET B 39 29.94 -0.38 2.65
N GLU B 40 30.86 -1.32 2.39
CA GLU B 40 32.06 -1.02 1.64
C GLU B 40 31.81 -1.34 0.17
N PHE B 41 32.16 -0.39 -0.69
CA PHE B 41 31.88 -0.48 -2.12
C PHE B 41 33.02 -1.18 -2.83
N PRO B 42 32.80 -1.62 -4.07
CA PRO B 42 33.84 -2.38 -4.78
C PRO B 42 35.19 -1.67 -4.89
N ASN B 43 35.22 -0.34 -4.90
CA ASN B 43 36.49 0.37 -5.07
C ASN B 43 37.18 0.70 -3.76
N GLY B 44 36.59 0.36 -2.62
CA GLY B 44 37.16 0.67 -1.32
C GLY B 44 36.54 1.87 -0.63
N HIS B 45 35.52 2.49 -1.22
CA HIS B 45 34.81 3.57 -0.56
C HIS B 45 33.84 2.99 0.47
N VAL B 46 33.75 3.65 1.62
CA VAL B 46 32.93 3.18 2.74
C VAL B 46 31.69 4.07 2.79
N GLY B 47 30.56 3.52 2.37
CA GLY B 47 29.32 4.27 2.33
C GLY B 47 28.18 3.58 3.03
N TRP B 48 27.05 3.42 2.33
CA TRP B 48 25.84 2.91 2.94
C TRP B 48 25.10 1.98 1.99
N LEU B 49 24.35 1.05 2.57
CA LEU B 49 23.43 0.20 1.83
C LEU B 49 22.04 0.40 2.40
N ALA B 50 21.11 0.82 1.55
CA ALA B 50 19.72 1.01 1.93
C ALA B 50 18.90 -0.14 1.37
N THR B 51 18.31 -0.94 2.25
CA THR B 51 17.56 -2.13 1.85
C THR B 51 16.08 -2.04 2.12
N GLY B 52 15.66 -1.24 3.10
CA GLY B 52 14.26 -1.12 3.42
C GLY B 52 13.51 -0.27 2.39
N HIS B 53 12.23 -0.61 2.20
CA HIS B 53 11.42 0.12 1.23
C HIS B 53 11.27 1.59 1.61
N ALA B 54 11.20 1.89 2.91
CA ALA B 54 11.07 3.28 3.33
C ALA B 54 12.35 4.06 3.08
N VAL B 55 13.49 3.47 3.43
CA VAL B 55 14.77 4.19 3.30
C VAL B 55 15.14 4.35 1.83
N VAL B 56 14.84 3.35 1.00
CA VAL B 56 15.11 3.46 -0.43
C VAL B 56 14.26 4.55 -1.05
N ARG B 57 12.98 4.61 -0.68
CA ARG B 57 12.12 5.72 -1.09
C ARG B 57 12.76 7.07 -0.77
N ALA B 58 13.39 7.16 0.41
CA ALA B 58 13.94 8.44 0.85
C ALA B 58 15.09 8.89 -0.02
N VAL B 59 16.06 8.02 -0.27
CA VAL B 59 17.23 8.41 -1.06
C VAL B 59 16.86 8.70 -2.50
N LEU B 60 15.76 8.15 -3.01
CA LEU B 60 15.33 8.42 -4.38
C LEU B 60 14.54 9.71 -4.50
N ALA B 61 13.99 10.22 -3.40
CA ALA B 61 13.16 11.42 -3.43
C ALA B 61 13.89 12.68 -2.98
N ASP B 62 14.88 12.55 -2.10
CA ASP B 62 15.61 13.72 -1.62
C ASP B 62 16.52 14.26 -2.73
N PRO B 63 16.41 15.54 -3.08
CA PRO B 63 17.28 16.10 -4.12
C PRO B 63 18.67 16.45 -3.65
N ARG B 64 19.01 16.16 -2.39
CA ARG B 64 20.38 16.25 -1.90
C ARG B 64 21.22 15.05 -2.30
N PHE B 65 20.68 14.14 -3.11
CA PHE B 65 21.33 12.88 -3.44
C PHE B 65 21.63 12.90 -4.94
N SER B 66 22.91 12.91 -5.28
CA SER B 66 23.36 13.03 -6.66
C SER B 66 23.38 11.67 -7.34
N HIS B 67 23.14 11.67 -8.65
CA HIS B 67 23.29 10.44 -9.40
C HIS B 67 24.37 10.62 -10.47
N ARG B 68 25.15 11.70 -10.38
CA ARG B 68 26.28 11.90 -11.27
C ARG B 68 27.30 10.79 -11.07
N ASN B 69 27.84 10.28 -12.18
CA ASN B 69 28.82 9.22 -12.10
C ASN B 69 30.15 9.70 -11.52
N ASP B 70 30.40 11.01 -11.52
CA ASP B 70 31.59 11.56 -10.89
C ASP B 70 31.35 12.00 -9.44
N ARG B 71 30.18 11.67 -8.89
CA ARG B 71 29.89 11.92 -7.49
C ARG B 71 29.67 10.65 -6.69
N ARG B 72 28.92 9.69 -7.24
CA ARG B 72 28.65 8.42 -6.58
C ARG B 72 29.72 7.39 -6.92
N HIS B 73 29.68 6.28 -6.21
CA HIS B 73 30.47 5.10 -6.53
C HIS B 73 29.53 3.96 -6.91
N TRP B 74 29.89 3.25 -7.98
CA TRP B 74 29.08 2.12 -8.44
C TRP B 74 29.17 1.00 -7.41
N PRO B 75 28.03 0.46 -6.94
CA PRO B 75 28.08 -0.55 -5.88
C PRO B 75 28.28 -1.98 -6.38
N LEU B 76 28.22 -2.22 -7.68
CA LEU B 76 28.30 -3.57 -8.22
C LEU B 76 29.68 -3.94 -8.74
N ALA B 77 30.49 -2.96 -9.14
CA ALA B 77 31.80 -3.27 -9.70
C ALA B 77 32.71 -2.06 -9.54
N ASP B 78 34.01 -2.31 -9.49
CA ASP B 78 35.03 -1.27 -9.34
C ASP B 78 35.48 -0.85 -10.73
N ILE B 79 34.69 0.00 -11.36
CA ILE B 79 34.98 0.49 -12.70
C ILE B 79 36.13 1.49 -12.68
N GLY B 82 34.00 6.90 -13.33
CA GLY B 82 34.87 6.51 -14.43
C GLY B 82 34.22 6.61 -15.79
N PHE B 83 33.42 7.65 -16.00
CA PHE B 83 32.74 7.88 -17.27
C PHE B 83 32.14 9.27 -17.32
N PRO B 84 32.08 9.90 -18.49
CA PRO B 84 31.42 11.20 -18.61
C PRO B 84 30.02 11.03 -19.18
N PRO B 85 29.09 11.92 -18.83
CA PRO B 85 27.69 11.74 -19.26
C PRO B 85 27.50 12.26 -20.69
N LEU B 86 27.10 11.38 -21.61
CA LEU B 86 26.82 11.88 -22.94
C LEU B 86 25.47 12.60 -22.99
N PRO B 87 25.17 13.32 -24.08
CA PRO B 87 23.92 14.06 -24.12
C PRO B 87 22.75 13.15 -24.42
N GLY B 88 21.59 13.55 -23.92
CA GLY B 88 20.43 12.69 -23.93
C GLY B 88 20.38 11.70 -22.80
N ASP B 89 21.34 11.74 -21.87
CA ASP B 89 21.32 10.92 -20.67
C ASP B 89 20.93 11.83 -19.50
N MET B 90 19.65 11.85 -19.18
CA MET B 90 19.13 12.65 -18.09
C MET B 90 19.22 11.96 -16.73
N LEU B 91 19.51 10.66 -16.71
CA LEU B 91 19.44 9.89 -15.47
C LEU B 91 20.63 10.14 -14.56
N HIS B 92 21.81 10.42 -15.13
CA HIS B 92 23.02 10.64 -14.36
C HIS B 92 23.45 12.10 -14.35
N ILE B 93 22.47 13.00 -14.28
CA ILE B 93 22.74 14.42 -14.03
C ILE B 93 21.76 14.90 -12.97
N ASP B 94 22.13 15.97 -12.30
CA ASP B 94 21.38 16.47 -11.16
C ASP B 94 20.56 17.69 -11.54
N PRO B 95 19.57 18.05 -10.73
CA PRO B 95 18.93 19.35 -10.87
C PRO B 95 19.95 20.47 -10.78
N PRO B 96 19.80 21.54 -11.57
CA PRO B 96 18.66 21.80 -12.46
C PRO B 96 18.85 21.27 -13.88
N ASP B 97 20.04 20.75 -14.22
CA ASP B 97 20.24 20.18 -15.55
C ASP B 97 19.23 19.08 -15.82
N HIS B 98 19.01 18.21 -14.83
CA HIS B 98 18.01 17.15 -14.98
C HIS B 98 16.61 17.73 -15.07
N THR B 99 16.34 18.80 -14.33
CA THR B 99 14.99 19.38 -14.32
C THR B 99 14.59 19.91 -15.69
N ARG B 100 15.56 20.37 -16.49
CA ARG B 100 15.25 20.83 -17.84
C ARG B 100 14.70 19.69 -18.70
N TYR B 101 15.27 18.49 -18.54
CA TYR B 101 14.79 17.35 -19.32
C TYR B 101 13.39 16.93 -18.89
N ARG B 102 13.20 16.66 -17.59
CA ARG B 102 11.90 16.22 -17.08
C ARG B 102 10.79 17.11 -17.57
N LYS B 103 10.96 18.40 -17.35
CA LYS B 103 9.95 19.40 -17.66
C LYS B 103 9.70 19.54 -19.15
N LEU B 104 10.66 19.11 -19.99
CA LEU B 104 10.40 19.18 -21.41
C LEU B 104 9.45 18.03 -21.75
N LEU B 105 9.69 16.88 -21.13
CA LEU B 105 9.26 15.56 -21.60
C LEU B 105 8.19 14.90 -20.75
N ALA B 106 8.04 15.30 -19.49
CA ALA B 106 7.08 14.62 -18.61
C ALA B 106 5.68 14.68 -19.19
N GLY B 107 5.28 15.84 -19.75
CA GLY B 107 3.95 15.96 -20.31
C GLY B 107 3.73 15.08 -21.52
N LYS B 108 4.79 14.75 -22.25
CA LYS B 108 4.70 13.91 -23.43
C LYS B 108 4.77 12.43 -23.11
N PHE B 109 4.87 12.07 -21.82
CA PHE B 109 4.95 10.67 -21.40
C PHE B 109 3.86 10.29 -20.41
N THR B 110 2.83 11.13 -20.24
CA THR B 110 1.72 10.81 -19.38
C THR B 110 0.96 9.59 -19.91
N MET B 111 0.05 9.07 -19.09
CA MET B 111 -0.69 7.87 -19.49
C MET B 111 -1.67 8.16 -20.62
N ARG B 112 -2.28 9.34 -20.62
CA ARG B 112 -3.21 9.72 -21.70
C ARG B 112 -2.51 9.65 -23.05
N ARG B 113 -1.31 10.23 -23.13
CA ARG B 113 -0.59 10.25 -24.39
C ARG B 113 -0.10 8.85 -24.75
N MET B 114 0.42 8.11 -23.77
CA MET B 114 0.90 6.76 -24.04
C MET B 114 -0.24 5.82 -24.40
N ARG B 115 -1.42 6.01 -23.78
CA ARG B 115 -2.56 5.15 -24.04
C ARG B 115 -3.05 5.25 -25.48
N ARG B 116 -2.66 6.30 -26.21
CA ARG B 116 -2.95 6.40 -27.62
C ARG B 116 -2.04 5.52 -28.48
N LEU B 117 -1.09 4.83 -27.85
CA LEU B 117 -0.28 3.82 -28.52
C LEU B 117 -0.78 2.40 -28.23
N THR B 118 -1.89 2.27 -27.51
CA THR B 118 -2.41 0.95 -27.15
C THR B 118 -2.70 0.12 -28.41
N GLY B 119 -3.38 0.71 -29.39
CA GLY B 119 -3.66 0.00 -30.62
C GLY B 119 -2.39 -0.43 -31.34
N SER B 120 -1.39 0.45 -31.40
CA SER B 120 -0.11 0.09 -31.98
C SER B 120 0.54 -1.06 -31.21
N ALA B 121 0.46 -1.02 -29.88
CA ALA B 121 0.99 -2.11 -29.06
C ALA B 121 0.27 -3.41 -29.37
N GLN B 122 -1.07 -3.38 -29.39
CA GLN B 122 -1.84 -4.58 -29.71
C GLN B 122 -1.41 -5.20 -31.03
N GLU B 123 -1.21 -4.36 -32.05
CA GLU B 123 -0.92 -4.87 -33.39
C GLU B 123 0.54 -5.31 -33.53
N ILE B 124 1.46 -4.62 -32.87
CA ILE B 124 2.84 -5.11 -32.81
C ILE B 124 2.89 -6.47 -32.14
N VAL B 125 2.20 -6.60 -31.00
CA VAL B 125 2.18 -7.85 -30.26
C VAL B 125 1.55 -8.96 -31.11
N ALA B 126 0.40 -8.67 -31.72
CA ALA B 126 -0.29 -9.68 -32.51
C ALA B 126 0.55 -10.13 -33.70
N GLY B 127 1.25 -9.19 -34.36
CA GLY B 127 2.07 -9.55 -35.49
C GLY B 127 3.17 -10.53 -35.13
N LYS B 128 3.79 -10.34 -33.97
CA LYS B 128 4.84 -11.27 -33.53
C LYS B 128 4.26 -12.57 -33.00
N LEU B 129 3.04 -12.54 -32.44
CA LEU B 129 2.37 -13.79 -32.10
C LEU B 129 2.07 -14.60 -33.36
N ASP B 130 1.74 -13.92 -34.46
CA ASP B 130 1.55 -14.60 -35.73
C ASP B 130 2.85 -15.25 -36.20
N ALA B 131 3.94 -14.49 -36.20
CA ALA B 131 5.22 -15.02 -36.65
C ALA B 131 5.70 -16.17 -35.78
N MET B 132 5.40 -16.13 -34.48
CA MET B 132 5.76 -17.23 -33.60
C MET B 132 5.06 -18.51 -34.01
N GLU B 133 3.73 -18.47 -34.11
CA GLU B 133 2.97 -19.66 -34.48
C GLU B 133 3.35 -20.15 -35.87
N ARG B 134 3.60 -19.22 -36.80
CA ARG B 134 4.05 -19.61 -38.13
C ARG B 134 5.36 -20.39 -38.06
N HIS B 135 6.30 -19.92 -37.24
CA HIS B 135 7.54 -20.67 -37.04
C HIS B 135 7.27 -21.95 -36.27
N GLY B 136 6.51 -21.87 -35.19
CA GLY B 136 6.24 -23.03 -34.35
C GLY B 136 7.34 -23.25 -33.33
N GLY B 137 6.95 -23.84 -32.20
CA GLY B 137 7.88 -24.17 -31.15
C GLY B 137 8.75 -25.36 -31.50
N PRO B 138 9.91 -25.48 -30.86
CA PRO B 138 10.41 -24.55 -29.83
C PRO B 138 11.09 -23.33 -30.42
N LEU B 139 11.10 -22.22 -29.67
CA LEU B 139 11.77 -21.01 -30.11
C LEU B 139 12.15 -20.19 -28.88
N ASP B 140 12.97 -19.18 -29.12
CA ASP B 140 13.41 -18.25 -28.08
C ASP B 140 12.43 -17.09 -28.01
N LEU B 141 11.80 -16.92 -26.85
CA LEU B 141 10.81 -15.86 -26.70
C LEU B 141 11.44 -14.48 -26.84
N LEU B 142 12.65 -14.30 -26.32
CA LEU B 142 13.37 -13.03 -26.46
C LEU B 142 13.54 -12.69 -27.94
N GLU B 143 14.17 -13.60 -28.69
CA GLU B 143 14.37 -13.43 -30.12
C GLU B 143 13.08 -13.07 -30.83
N PHE B 144 11.99 -13.78 -30.51
CA PHE B 144 10.77 -13.70 -31.29
C PHE B 144 9.77 -12.69 -30.75
N PHE B 145 9.82 -12.37 -29.46
CA PHE B 145 8.73 -11.60 -28.88
C PHE B 145 9.21 -10.55 -27.87
N ALA B 146 9.97 -10.98 -26.87
CA ALA B 146 10.27 -10.09 -25.74
C ALA B 146 11.13 -8.90 -26.18
N ARG B 147 12.07 -9.11 -27.11
CA ARG B 147 12.93 -8.02 -27.55
C ARG B 147 12.33 -7.22 -28.70
N PRO B 148 11.74 -7.86 -29.73
CA PRO B 148 11.19 -7.06 -30.84
C PRO B 148 10.04 -6.15 -30.45
N VAL B 149 9.27 -6.48 -29.42
CA VAL B 149 8.03 -5.74 -29.13
C VAL B 149 8.34 -4.37 -28.53
N PRO B 150 9.17 -4.24 -27.49
CA PRO B 150 9.50 -2.89 -27.00
C PRO B 150 10.37 -2.11 -27.97
N THR B 151 11.16 -2.78 -28.81
CA THR B 151 11.94 -2.08 -29.82
C THR B 151 11.03 -1.36 -30.80
N LEU B 152 10.03 -2.06 -31.32
CA LEU B 152 9.10 -1.43 -32.26
C LEU B 152 8.22 -0.39 -31.58
N MET B 153 7.97 -0.54 -30.27
CA MET B 153 7.19 0.47 -29.56
C MET B 153 7.96 1.76 -29.39
N VAL B 154 9.28 1.67 -29.17
CA VAL B 154 10.09 2.88 -29.14
C VAL B 154 10.18 3.50 -30.53
N CYS B 155 10.31 2.66 -31.57
CA CYS B 155 10.28 3.16 -32.94
C CYS B 155 8.97 3.90 -33.21
N ALA B 156 7.84 3.32 -32.82
CA ALA B 156 6.56 3.97 -33.00
C ALA B 156 6.43 5.20 -32.11
N LEU B 157 7.14 5.23 -30.98
CA LEU B 157 7.13 6.41 -30.12
C LEU B 157 7.86 7.57 -30.78
N LEU B 158 9.04 7.30 -31.35
CA LEU B 158 9.84 8.32 -31.99
C LEU B 158 9.46 8.55 -33.45
N GLY B 159 8.54 7.76 -33.99
CA GLY B 159 8.20 7.90 -35.40
C GLY B 159 9.25 7.39 -36.34
N VAL B 160 9.99 6.36 -35.95
CA VAL B 160 10.95 5.74 -36.87
C VAL B 160 10.20 5.18 -38.07
N PRO B 161 10.62 5.47 -39.31
CA PRO B 161 9.93 4.91 -40.47
C PRO B 161 9.91 3.39 -40.43
N LEU B 162 8.78 2.82 -40.89
CA LEU B 162 8.57 1.38 -40.79
C LEU B 162 9.71 0.59 -41.45
N GLN B 163 10.14 1.02 -42.63
CA GLN B 163 11.18 0.29 -43.36
C GLN B 163 12.54 0.33 -42.67
N ASP B 164 12.71 1.18 -41.65
CA ASP B 164 13.97 1.25 -40.93
C ASP B 164 13.97 0.46 -39.62
N ARG B 165 12.79 0.09 -39.11
CA ARG B 165 12.70 -0.61 -37.84
C ARG B 165 13.44 -1.95 -37.85
N ALA B 166 13.79 -2.45 -39.04
CA ALA B 166 14.52 -3.71 -39.11
C ALA B 166 15.93 -3.58 -38.52
N THR B 167 16.57 -2.44 -38.73
CA THR B 167 17.98 -2.28 -38.35
C THR B 167 18.21 -2.26 -36.85
N PHE B 168 17.16 -2.22 -36.03
CA PHE B 168 17.32 -1.97 -34.61
C PHE B 168 17.26 -3.23 -33.74
N HIS B 169 16.85 -4.36 -34.28
CA HIS B 169 16.85 -5.60 -33.52
C HIS B 169 17.27 -6.75 -34.43
N PRO B 170 17.96 -7.76 -33.88
CA PRO B 170 18.43 -8.93 -34.63
C PRO B 170 17.30 -9.68 -35.34
N TYR B 188 23.06 -9.84 -39.22
CA TYR B 188 22.99 -8.38 -39.26
C TYR B 188 24.12 -7.78 -38.45
N VAL B 189 24.08 -6.46 -38.23
CA VAL B 189 25.04 -5.80 -37.37
C VAL B 189 24.28 -4.93 -36.37
N GLU B 190 24.29 -5.34 -35.11
CA GLU B 190 23.82 -4.49 -34.02
C GLU B 190 24.51 -3.15 -34.11
N MET B 191 23.74 -2.09 -34.25
CA MET B 191 24.32 -0.77 -34.47
C MET B 191 25.06 -0.31 -33.24
N THR B 192 26.25 0.25 -33.46
CA THR B 192 26.97 0.92 -32.40
C THR B 192 26.18 2.15 -31.93
N TYR B 193 26.54 2.64 -30.75
CA TYR B 193 25.96 3.88 -30.28
C TYR B 193 26.20 5.02 -31.27
N ALA B 194 27.26 4.91 -32.07
CA ALA B 194 27.58 5.92 -33.08
C ALA B 194 26.68 5.80 -34.30
N ASP B 195 26.34 4.57 -34.71
CA ASP B 195 25.41 4.41 -35.82
C ASP B 195 24.06 5.03 -35.48
N MET B 196 23.63 4.90 -34.23
CA MET B 196 22.35 5.47 -33.81
C MET B 196 22.42 6.99 -33.78
N GLN B 197 23.55 7.55 -33.33
CA GLN B 197 23.82 8.98 -33.48
C GLN B 197 23.42 9.43 -34.88
N GLU B 198 24.11 8.87 -35.87
CA GLU B 198 24.02 9.36 -37.24
C GLU B 198 22.66 9.05 -37.85
N TYR B 199 22.08 7.89 -37.56
CA TYR B 199 20.76 7.59 -38.09
C TYR B 199 19.75 8.64 -37.64
N PHE B 200 19.68 8.87 -36.33
CA PHE B 200 18.73 9.84 -35.81
C PHE B 200 19.09 11.26 -36.21
N ARG B 201 20.39 11.53 -36.42
CA ARG B 201 20.79 12.83 -36.94
C ARG B 201 20.18 13.09 -38.30
N LYS B 202 20.06 12.03 -39.13
CA LYS B 202 19.37 12.16 -40.40
C LYS B 202 17.87 12.22 -40.21
N LEU B 203 17.33 11.47 -39.24
CA LEU B 203 15.89 11.43 -39.04
C LEU B 203 15.36 12.73 -38.44
N VAL B 204 16.17 13.43 -37.65
CA VAL B 204 15.75 14.72 -37.13
C VAL B 204 15.52 15.71 -38.27
N ALA B 205 16.41 15.70 -39.26
CA ALA B 205 16.26 16.60 -40.41
C ALA B 205 14.97 16.32 -41.18
N ALA B 206 14.53 15.06 -41.22
CA ALA B 206 13.31 14.72 -41.94
C ALA B 206 12.07 15.18 -41.20
N LYS B 207 11.99 14.87 -39.89
CA LYS B 207 10.88 15.37 -39.09
C LYS B 207 10.87 16.90 -39.04
N ARG B 208 12.05 17.50 -38.93
CA ARG B 208 12.16 18.95 -38.87
C ARG B 208 11.58 19.60 -40.12
N ALA B 209 11.78 18.98 -41.29
CA ALA B 209 11.30 19.51 -42.55
C ALA B 209 10.00 18.87 -43.01
N ALA B 210 9.42 17.97 -42.21
CA ALA B 210 8.15 17.34 -42.54
C ALA B 210 7.53 16.75 -41.28
N PRO B 211 6.92 17.59 -40.44
CA PRO B 211 6.44 17.10 -39.13
C PRO B 211 5.39 16.01 -39.27
N ALA B 212 5.31 15.16 -38.24
CA ALA B 212 4.32 14.11 -38.16
C ALA B 212 3.88 13.94 -36.71
N ASP B 213 2.85 13.13 -36.50
CA ASP B 213 2.25 12.94 -35.19
C ASP B 213 3.08 11.93 -34.39
N ASP B 214 4.24 12.38 -33.92
CA ASP B 214 5.11 11.55 -33.10
C ASP B 214 5.96 12.43 -32.20
N LEU B 215 6.66 11.78 -31.27
CA LEU B 215 7.43 12.50 -30.27
C LEU B 215 8.64 13.20 -30.88
N LEU B 216 9.38 12.51 -31.76
CA LEU B 216 10.60 13.09 -32.31
C LEU B 216 10.30 14.32 -33.16
N SER B 217 9.20 14.29 -33.93
CA SER B 217 8.77 15.50 -34.61
C SER B 217 8.35 16.58 -33.62
N ASP B 218 7.83 16.17 -32.45
CA ASP B 218 7.41 17.13 -31.45
C ASP B 218 8.60 17.77 -30.75
N LEU B 219 9.75 17.10 -30.73
CA LEU B 219 10.92 17.61 -30.01
C LEU B 219 11.80 18.50 -30.87
N THR B 220 11.64 18.48 -32.19
CA THR B 220 12.45 19.36 -33.05
C THR B 220 12.10 20.83 -32.86
N THR B 221 10.87 21.12 -32.40
CA THR B 221 10.54 22.45 -31.88
C THR B 221 11.34 22.83 -30.64
N SER B 222 11.58 21.88 -29.74
CA SER B 222 12.03 22.22 -28.41
C SER B 222 13.42 22.85 -28.42
N ASP B 223 13.90 23.20 -27.23
CA ASP B 223 15.16 23.90 -27.04
C ASP B 223 16.35 22.96 -26.86
N LEU B 224 16.19 21.68 -27.19
CA LEU B 224 17.31 20.75 -27.13
C LEU B 224 18.28 21.03 -28.27
N THR B 225 19.56 20.90 -27.98
CA THR B 225 20.55 20.94 -29.04
C THR B 225 20.44 19.68 -29.90
N GLU B 226 21.18 19.65 -31.00
CA GLU B 226 21.14 18.49 -31.89
C GLU B 226 21.72 17.27 -31.19
N ASP B 227 22.88 17.40 -30.57
CA ASP B 227 23.52 16.29 -29.89
C ASP B 227 22.64 15.73 -28.78
N GLU B 228 21.86 16.59 -28.12
CA GLU B 228 21.04 16.16 -27.00
C GLU B 228 19.89 15.28 -27.48
N LEU B 229 19.12 15.75 -28.47
CA LEU B 229 17.97 15.00 -28.93
C LEU B 229 18.39 13.72 -29.64
N VAL B 230 19.47 13.78 -30.41
CA VAL B 230 19.99 12.57 -31.06
C VAL B 230 20.45 11.56 -30.03
N GLY B 231 21.17 12.02 -29.01
CA GLY B 231 21.60 11.11 -27.95
C GLY B 231 20.43 10.58 -27.15
N LEU B 232 19.43 11.42 -26.91
CA LEU B 232 18.23 10.96 -26.20
C LEU B 232 17.52 9.85 -26.97
N CYS B 233 17.47 9.98 -28.30
CA CYS B 233 16.89 8.92 -29.12
C CYS B 233 17.67 7.63 -28.99
N ALA B 234 19.00 7.71 -29.06
CA ALA B 234 19.83 6.52 -28.91
C ALA B 234 19.69 5.92 -27.52
N VAL B 235 19.55 6.76 -26.50
CA VAL B 235 19.35 6.25 -25.14
C VAL B 235 18.04 5.49 -25.05
N MET B 236 16.98 6.03 -25.63
CA MET B 236 15.67 5.39 -25.53
C MET B 236 15.64 4.07 -26.29
N MET B 237 16.39 3.95 -27.38
CA MET B 237 16.45 2.68 -28.11
C MET B 237 17.04 1.55 -27.27
N HIS B 238 17.77 1.88 -26.22
CA HIS B 238 18.31 0.90 -25.28
C HIS B 238 17.55 0.90 -23.96
N ALA B 239 17.41 2.07 -23.34
CA ALA B 239 16.73 2.16 -22.04
C ALA B 239 15.31 1.64 -22.14
N GLY B 240 14.61 1.92 -23.23
CA GLY B 240 13.24 1.49 -23.39
C GLY B 240 13.08 0.02 -23.72
N VAL B 241 14.17 -0.69 -24.02
CA VAL B 241 14.11 -2.05 -24.56
C VAL B 241 14.55 -3.09 -23.54
N ASP B 242 15.78 -2.95 -23.00
CA ASP B 242 16.36 -4.02 -22.18
C ASP B 242 15.46 -4.41 -21.03
N SER B 243 15.15 -3.46 -20.14
CA SER B 243 14.34 -3.79 -18.97
C SER B 243 12.97 -4.30 -19.36
N THR B 244 12.34 -3.67 -20.35
CA THR B 244 11.02 -4.12 -20.80
C THR B 244 11.07 -5.54 -21.33
N SER B 245 12.09 -5.85 -22.15
N SER B 245 12.09 -5.85 -22.15
CA SER B 245 12.19 -7.19 -22.74
CA SER B 245 12.19 -7.19 -22.74
C SER B 245 12.41 -8.23 -21.67
C SER B 245 12.41 -8.23 -21.67
N ASN B 246 13.22 -7.92 -20.65
CA ASN B 246 13.48 -8.88 -19.59
C ASN B 246 12.28 -9.03 -18.67
N MET B 247 11.57 -7.93 -18.39
CA MET B 247 10.30 -8.04 -17.68
C MET B 247 9.35 -8.94 -18.43
N LEU B 248 9.28 -8.80 -19.75
CA LEU B 248 8.42 -9.65 -20.56
C LEU B 248 8.88 -11.10 -20.51
N ALA B 249 10.18 -11.32 -20.42
CA ALA B 249 10.71 -12.68 -20.37
C ALA B 249 10.53 -13.30 -18.99
N LEU B 250 10.95 -12.59 -17.94
CA LEU B 250 10.85 -13.13 -16.58
C LEU B 250 9.39 -13.34 -16.18
N GLY B 251 8.55 -12.33 -16.43
CA GLY B 251 7.15 -12.44 -16.06
C GLY B 251 6.43 -13.56 -16.78
N THR B 252 6.71 -13.73 -18.07
CA THR B 252 6.15 -14.86 -18.81
C THR B 252 6.57 -16.18 -18.18
N TRP B 253 7.87 -16.34 -17.92
CA TRP B 253 8.38 -17.52 -17.26
C TRP B 253 7.72 -17.72 -15.90
N ALA B 254 7.57 -16.65 -15.12
CA ALA B 254 6.92 -16.76 -13.83
C ALA B 254 5.46 -17.19 -13.97
N LEU B 255 4.73 -16.54 -14.88
CA LEU B 255 3.30 -16.79 -15.01
C LEU B 255 3.02 -18.24 -15.41
N LEU B 256 3.74 -18.75 -16.41
CA LEU B 256 3.51 -20.12 -16.86
C LEU B 256 3.88 -21.14 -15.79
N GLU B 257 4.76 -20.78 -14.85
CA GLU B 257 5.02 -21.62 -13.68
C GLU B 257 3.89 -21.56 -12.67
N ARG B 258 2.96 -20.61 -12.80
CA ARG B 258 1.88 -20.38 -11.84
C ARG B 258 0.55 -20.50 -12.55
N PRO B 259 0.13 -21.71 -12.92
CA PRO B 259 -1.11 -21.86 -13.70
C PRO B 259 -2.34 -21.28 -13.01
N ASP B 260 -2.36 -21.25 -11.67
CA ASP B 260 -3.49 -20.65 -10.97
C ASP B 260 -3.56 -19.15 -11.20
N GLN B 261 -2.40 -18.48 -11.25
CA GLN B 261 -2.38 -17.05 -11.54
C GLN B 261 -2.90 -16.78 -12.95
N LEU B 262 -2.49 -17.61 -13.92
CA LEU B 262 -2.98 -17.44 -15.29
C LEU B 262 -4.49 -17.61 -15.37
N ALA B 263 -5.02 -18.60 -14.64
CA ALA B 263 -6.46 -18.85 -14.68
C ALA B 263 -7.25 -17.63 -14.21
N ALA B 264 -6.77 -16.96 -13.17
CA ALA B 264 -7.45 -15.76 -12.70
C ALA B 264 -7.38 -14.64 -13.74
N LEU B 265 -6.25 -14.53 -14.45
CA LEU B 265 -6.14 -13.52 -15.49
C LEU B 265 -6.97 -13.88 -16.71
N ARG B 266 -6.97 -15.16 -17.08
CA ARG B 266 -7.88 -15.64 -18.11
C ARG B 266 -9.34 -15.35 -17.74
N GLU B 267 -9.65 -15.33 -16.45
CA GLU B 267 -11.05 -15.21 -16.02
C GLU B 267 -11.52 -13.76 -15.91
N ARG B 268 -10.82 -12.90 -15.17
CA ARG B 268 -11.02 -11.47 -15.40
C ARG B 268 -9.83 -10.93 -16.18
N PRO B 269 -10.00 -10.54 -17.44
CA PRO B 269 -8.90 -9.87 -18.15
C PRO B 269 -8.49 -8.56 -17.51
N ASP B 270 -9.39 -7.91 -16.77
CA ASP B 270 -9.08 -6.61 -16.15
C ASP B 270 -8.06 -6.71 -15.04
N LEU B 271 -7.63 -7.91 -14.66
CA LEU B 271 -6.55 -8.06 -13.69
C LEU B 271 -5.19 -7.75 -14.28
N ALA B 272 -5.13 -7.39 -15.57
CA ALA B 272 -3.83 -7.19 -16.24
C ALA B 272 -3.05 -6.05 -15.62
N ASP B 273 -3.72 -4.92 -15.35
CA ASP B 273 -3.03 -3.77 -14.76
C ASP B 273 -2.39 -4.13 -13.43
N ARG B 274 -3.15 -4.81 -12.56
CA ARG B 274 -2.58 -5.27 -11.30
C ARG B 274 -1.53 -6.34 -11.53
N ALA B 275 -1.77 -7.23 -12.50
CA ALA B 275 -0.79 -8.28 -12.80
C ALA B 275 0.54 -7.69 -13.26
N VAL B 276 0.50 -6.56 -13.97
CA VAL B 276 1.74 -5.94 -14.42
C VAL B 276 2.48 -5.29 -13.25
N GLU B 277 1.74 -4.58 -12.39
CA GLU B 277 2.37 -3.94 -11.24
C GLU B 277 2.96 -4.98 -10.28
N GLU B 278 2.25 -6.08 -10.06
CA GLU B 278 2.75 -7.12 -9.17
C GLU B 278 3.98 -7.81 -9.76
N LEU B 279 4.05 -7.94 -11.09
CA LEU B 279 5.23 -8.53 -11.70
C LEU B 279 6.44 -7.60 -11.60
N MET B 280 6.21 -6.29 -11.64
CA MET B 280 7.31 -5.35 -11.52
C MET B 280 7.91 -5.35 -10.12
N ARG B 281 7.05 -5.47 -9.10
CA ARG B 281 7.55 -5.57 -7.73
C ARG B 281 8.31 -6.86 -7.51
N TYR B 282 7.78 -7.98 -8.02
CA TYR B 282 8.37 -9.28 -7.74
C TYR B 282 9.73 -9.44 -8.41
N MET B 283 9.90 -8.87 -9.60
CA MET B 283 11.12 -9.12 -10.37
C MET B 283 12.21 -8.09 -10.10
N SER B 284 11.86 -6.80 -10.10
CA SER B 284 12.78 -5.72 -9.78
C SER B 284 14.06 -5.81 -10.62
N VAL B 285 13.88 -5.74 -11.94
CA VAL B 285 14.98 -6.00 -12.86
C VAL B 285 16.09 -4.97 -12.71
N VAL B 286 15.74 -3.72 -12.43
CA VAL B 286 16.72 -2.73 -12.02
C VAL B 286 16.96 -2.94 -10.53
N HIS B 287 17.79 -3.92 -10.20
CA HIS B 287 17.85 -4.44 -8.85
C HIS B 287 18.60 -3.53 -7.89
N THR B 288 19.59 -2.79 -8.37
CA THR B 288 20.48 -2.05 -7.48
C THR B 288 20.89 -0.74 -8.14
N GLY B 289 21.17 0.25 -7.29
CA GLY B 289 21.75 1.49 -7.72
C GLY B 289 22.48 2.15 -6.57
N SER B 290 22.85 3.41 -6.77
CA SER B 290 23.46 4.18 -5.69
C SER B 290 23.27 5.67 -5.95
N ARG B 291 23.45 6.45 -4.89
CA ARG B 291 23.40 7.91 -4.95
C ARG B 291 24.45 8.46 -4.00
N ALA B 292 25.06 9.57 -4.38
CA ALA B 292 26.01 10.27 -3.53
C ALA B 292 25.32 11.44 -2.84
N ALA B 293 25.57 11.59 -1.54
CA ALA B 293 25.03 12.71 -0.78
C ALA B 293 25.71 14.00 -1.22
N LEU B 294 24.94 14.92 -1.80
CA LEU B 294 25.48 16.24 -2.13
C LEU B 294 25.87 17.00 -0.87
N GLU B 295 25.12 16.80 0.22
CA GLU B 295 25.45 17.35 1.52
C GLU B 295 25.06 16.34 2.58
N ASP B 296 25.33 16.68 3.84
CA ASP B 296 24.93 15.83 4.95
C ASP B 296 23.41 15.66 4.96
N VAL B 297 22.96 14.42 5.10
CA VAL B 297 21.55 14.09 5.13
C VAL B 297 21.31 13.15 6.31
N GLU B 298 20.33 13.48 7.14
CA GLU B 298 19.89 12.56 8.18
C GLU B 298 18.91 11.57 7.57
N LEU B 299 19.19 10.28 7.77
CA LEU B 299 18.48 9.20 7.08
C LEU B 299 18.34 8.03 8.04
N ALA B 300 17.13 7.86 8.58
CA ALA B 300 16.80 6.76 9.50
C ALA B 300 17.74 6.75 10.71
N GLY B 301 17.73 7.86 11.45
CA GLY B 301 18.55 7.99 12.63
C GLY B 301 20.04 8.12 12.39
N GLU B 302 20.49 8.10 11.13
CA GLU B 302 21.89 8.21 10.79
C GLU B 302 22.12 9.49 9.99
N VAL B 303 23.33 10.03 10.09
CA VAL B 303 23.74 11.18 9.29
C VAL B 303 24.61 10.65 8.15
N VAL B 304 24.11 10.75 6.93
CA VAL B 304 24.87 10.37 5.75
C VAL B 304 25.69 11.60 5.33
N ARG B 305 27.01 11.52 5.51
CA ARG B 305 27.88 12.65 5.25
C ARG B 305 27.97 12.94 3.76
N ALA B 306 28.29 14.19 3.44
CA ALA B 306 28.48 14.58 2.05
C ALA B 306 29.65 13.82 1.43
N GLY B 307 29.51 13.49 0.14
CA GLY B 307 30.51 12.71 -0.55
C GLY B 307 30.37 11.21 -0.39
N GLU B 308 29.56 10.74 0.56
CA GLU B 308 29.35 9.32 0.78
C GLU B 308 28.26 8.80 -0.14
N SER B 309 28.48 7.60 -0.68
CA SER B 309 27.48 6.95 -1.52
C SER B 309 26.56 6.09 -0.67
N VAL B 310 25.28 6.11 -1.01
CA VAL B 310 24.31 5.20 -0.43
C VAL B 310 23.81 4.30 -1.55
N ALA B 311 24.18 3.02 -1.49
CA ALA B 311 23.64 2.05 -2.41
C ALA B 311 22.23 1.67 -1.99
N PHE B 312 21.33 1.53 -2.95
CA PHE B 312 19.98 1.10 -2.68
C PHE B 312 19.67 -0.15 -3.48
N SER B 313 18.89 -1.03 -2.88
CA SER B 313 18.46 -2.28 -3.50
C SER B 313 16.95 -2.19 -3.73
N VAL B 314 16.57 -1.92 -4.98
CA VAL B 314 15.15 -1.91 -5.34
C VAL B 314 14.55 -3.28 -5.08
N GLN B 315 15.31 -4.35 -5.34
CA GLN B 315 14.76 -5.70 -5.23
C GLN B 315 14.50 -6.08 -3.78
N ALA B 316 15.39 -5.69 -2.86
CA ALA B 316 15.13 -5.95 -1.45
C ALA B 316 14.03 -5.05 -0.92
N ALA B 317 13.94 -3.82 -1.45
CA ALA B 317 12.87 -2.91 -1.03
C ALA B 317 11.50 -3.44 -1.45
N ASN B 318 11.43 -4.05 -2.63
CA ASN B 318 10.16 -4.58 -3.13
C ASN B 318 9.78 -5.91 -2.48
N ARG B 319 10.62 -6.44 -1.58
CA ARG B 319 10.28 -7.59 -0.76
C ARG B 319 10.24 -7.24 0.72
N ASP B 320 10.17 -5.95 1.04
CA ASP B 320 10.18 -5.52 2.44
C ASP B 320 8.89 -5.93 3.13
N PRO B 321 8.94 -6.83 4.13
CA PRO B 321 7.71 -7.18 4.87
C PRO B 321 7.14 -6.01 5.65
N ALA B 322 7.90 -4.94 5.84
CA ALA B 322 7.35 -3.73 6.45
C ALA B 322 6.38 -3.01 5.53
N ARG B 323 6.43 -3.29 4.23
CA ARG B 323 5.61 -2.61 3.23
C ARG B 323 4.58 -3.50 2.57
N PHE B 324 4.95 -4.73 2.21
CA PHE B 324 4.06 -5.66 1.52
C PHE B 324 3.80 -6.87 2.41
N ALA B 325 2.54 -7.32 2.45
CA ALA B 325 2.24 -8.59 3.08
C ALA B 325 2.67 -9.73 2.17
N ASP B 326 3.14 -10.83 2.77
CA ASP B 326 3.57 -12.01 2.03
C ASP B 326 4.56 -11.66 0.92
N PRO B 327 5.64 -10.94 1.24
CA PRO B 327 6.41 -10.25 0.18
C PRO B 327 7.01 -11.18 -0.86
N ASP B 328 7.35 -12.41 -0.49
CA ASP B 328 7.93 -13.37 -1.44
C ASP B 328 6.88 -14.22 -2.14
N THR B 329 5.62 -13.79 -2.13
CA THR B 329 4.54 -14.48 -2.81
C THR B 329 4.12 -13.67 -4.03
N LEU B 330 4.16 -14.30 -5.20
CA LEU B 330 3.66 -13.67 -6.42
C LEU B 330 2.15 -13.83 -6.47
N ASP B 331 1.42 -12.71 -6.44
CA ASP B 331 -0.05 -12.74 -6.39
C ASP B 331 -0.55 -11.55 -7.19
N ILE B 332 -0.95 -11.80 -8.45
CA ILE B 332 -1.39 -10.73 -9.32
C ILE B 332 -2.65 -10.05 -8.82
N ARG B 333 -3.37 -10.68 -7.89
CA ARG B 333 -4.62 -10.11 -7.40
C ARG B 333 -4.39 -8.93 -6.48
N ARG B 334 -3.25 -8.90 -5.79
CA ARG B 334 -2.89 -7.79 -4.91
C ARG B 334 -2.08 -6.73 -5.62
N GLY B 335 -1.93 -6.81 -6.93
CA GLY B 335 -1.18 -5.85 -7.69
C GLY B 335 -1.58 -4.41 -7.39
N ALA B 336 -0.59 -3.57 -7.10
CA ALA B 336 -0.86 -2.17 -6.81
C ALA B 336 0.44 -1.41 -6.87
N VAL B 337 0.33 -0.09 -7.01
CA VAL B 337 1.51 0.78 -7.08
C VAL B 337 2.11 0.81 -5.68
N GLY B 338 3.33 1.37 -5.55
CA GLY B 338 4.07 1.37 -4.31
C GLY B 338 5.40 0.67 -4.42
N HIS B 339 5.49 -0.34 -5.29
CA HIS B 339 6.76 -0.92 -5.65
C HIS B 339 7.67 0.16 -6.24
N LEU B 340 8.98 -0.10 -6.16
CA LEU B 340 9.98 0.84 -6.67
C LEU B 340 10.62 0.34 -7.95
N GLY B 341 9.93 -0.54 -8.68
CA GLY B 341 10.52 -1.10 -9.90
C GLY B 341 10.74 -0.08 -10.99
N PHE B 342 9.97 1.00 -10.98
CA PHE B 342 10.19 2.12 -11.89
C PHE B 342 10.97 3.25 -11.23
N GLY B 343 11.64 2.98 -10.11
CA GLY B 343 12.27 4.03 -9.37
C GLY B 343 11.25 4.84 -8.58
N TYR B 344 11.61 6.08 -8.30
CA TYR B 344 10.79 6.91 -7.41
C TYR B 344 11.38 8.31 -7.37
N GLY B 345 10.52 9.28 -7.11
CA GLY B 345 10.94 10.65 -6.93
C GLY B 345 11.57 11.31 -8.15
N VAL B 346 12.82 11.75 -7.99
CA VAL B 346 13.46 12.61 -8.99
C VAL B 346 13.53 11.90 -10.33
N HIS B 347 14.21 10.74 -10.38
CA HIS B 347 14.49 10.05 -11.63
C HIS B 347 13.52 8.91 -11.91
N GLN B 348 12.29 8.98 -11.40
CA GLN B 348 11.34 7.91 -11.66
C GLN B 348 11.15 7.73 -13.16
N CYS B 349 11.16 6.47 -13.59
CA CYS B 349 11.21 6.08 -15.00
C CYS B 349 10.30 6.93 -15.87
N LEU B 350 10.90 7.67 -16.80
CA LEU B 350 10.13 8.53 -17.69
C LEU B 350 9.12 7.72 -18.50
N GLY B 351 9.53 6.58 -19.03
CA GLY B 351 8.68 5.80 -19.90
C GLY B 351 7.90 4.71 -19.20
N MET B 352 7.63 4.88 -17.91
CA MET B 352 6.93 3.84 -17.16
C MET B 352 5.50 3.65 -17.66
N GLN B 353 4.88 4.72 -18.16
CA GLN B 353 3.52 4.59 -18.67
C GLN B 353 3.50 3.88 -20.01
N LEU B 354 4.48 4.15 -20.87
CA LEU B 354 4.62 3.36 -22.10
C LEU B 354 4.89 1.89 -21.79
N ALA B 355 5.79 1.63 -20.84
CA ALA B 355 6.09 0.26 -20.47
C ALA B 355 4.86 -0.47 -19.94
N ARG B 356 4.04 0.22 -19.14
CA ARG B 356 2.83 -0.40 -18.63
C ARG B 356 1.87 -0.75 -19.76
N VAL B 357 1.69 0.15 -20.72
CA VAL B 357 0.78 -0.10 -21.84
C VAL B 357 1.13 -1.39 -22.56
N GLU B 358 2.42 -1.56 -22.89
CA GLU B 358 2.82 -2.73 -23.68
C GLU B 358 2.82 -4.01 -22.85
N MET B 359 3.15 -3.93 -21.55
CA MET B 359 3.06 -5.12 -20.72
C MET B 359 1.59 -5.51 -20.47
N ARG B 360 0.73 -4.52 -20.24
CA ARG B 360 -0.69 -4.79 -20.06
C ARG B 360 -1.29 -5.45 -21.31
N VAL B 361 -0.73 -5.15 -22.48
CA VAL B 361 -1.18 -5.82 -23.71
C VAL B 361 -0.50 -7.17 -23.87
N ALA B 362 0.82 -7.20 -23.72
CA ALA B 362 1.60 -8.37 -24.14
C ALA B 362 1.28 -9.60 -23.28
N PHE B 363 1.26 -9.43 -21.96
CA PHE B 363 1.13 -10.60 -21.08
C PHE B 363 -0.15 -11.39 -21.31
N PRO B 364 -1.35 -10.80 -21.20
CA PRO B 364 -2.57 -11.57 -21.50
C PRO B 364 -2.64 -12.02 -22.95
N ALA B 365 -1.99 -11.30 -23.87
CA ALA B 365 -2.06 -11.67 -25.28
C ALA B 365 -1.24 -12.92 -25.58
N LEU B 366 -0.08 -13.07 -24.92
CA LEU B 366 0.73 -14.27 -25.09
C LEU B 366 -0.09 -15.52 -24.79
N PHE B 367 -0.63 -15.59 -23.56
CA PHE B 367 -1.28 -16.81 -23.09
C PHE B 367 -2.67 -16.99 -23.68
N ALA B 368 -3.31 -15.92 -24.17
CA ALA B 368 -4.54 -16.10 -24.93
C ALA B 368 -4.25 -16.81 -26.24
N ARG B 369 -3.11 -16.51 -26.87
CA ARG B 369 -2.73 -17.16 -28.11
C ARG B 369 -2.18 -18.56 -27.87
N PHE B 370 -1.29 -18.71 -26.89
CA PHE B 370 -0.65 -19.97 -26.55
C PHE B 370 -0.95 -20.29 -25.10
N PRO B 371 -2.13 -20.85 -24.80
CA PRO B 371 -2.43 -21.18 -23.40
C PRO B 371 -1.49 -22.23 -22.83
N ALA B 372 -1.07 -23.19 -23.65
CA ALA B 372 -0.18 -24.25 -23.21
C ALA B 372 1.29 -23.84 -23.33
N LEU B 373 1.56 -22.54 -23.25
CA LEU B 373 2.94 -22.06 -23.29
C LEU B 373 3.72 -22.60 -22.11
N ARG B 374 4.93 -23.09 -22.38
CA ARG B 374 5.77 -23.68 -21.35
C ARG B 374 7.22 -23.57 -21.81
N LEU B 375 8.14 -23.82 -20.88
CA LEU B 375 9.55 -23.80 -21.23
C LEU B 375 9.91 -24.99 -22.11
N ALA B 376 10.92 -24.81 -22.95
CA ALA B 376 11.41 -25.87 -23.83
C ALA B 376 12.68 -26.52 -23.31
N VAL B 377 13.23 -26.04 -22.20
CA VAL B 377 14.39 -26.66 -21.55
C VAL B 377 14.10 -26.72 -20.06
N PRO B 378 14.85 -27.53 -19.31
CA PRO B 378 14.73 -27.51 -17.86
C PRO B 378 14.91 -26.09 -17.32
N ALA B 379 14.02 -25.71 -16.39
CA ALA B 379 14.05 -24.35 -15.85
C ALA B 379 15.39 -24.00 -15.23
N GLY B 380 16.18 -25.00 -14.82
CA GLY B 380 17.53 -24.78 -14.37
C GLY B 380 18.55 -24.64 -15.48
N ASP B 381 18.11 -24.67 -16.74
CA ASP B 381 18.99 -24.52 -17.89
C ASP B 381 18.80 -23.19 -18.60
N VAL B 382 17.90 -22.33 -18.12
CA VAL B 382 17.68 -21.02 -18.74
C VAL B 382 18.89 -20.15 -18.43
N PRO B 383 19.56 -19.60 -19.44
CA PRO B 383 20.78 -18.83 -19.18
C PRO B 383 20.50 -17.48 -18.54
N MET B 384 20.77 -17.37 -17.24
CA MET B 384 20.55 -16.13 -16.52
C MET B 384 21.62 -15.10 -16.90
N ARG B 385 21.27 -13.83 -16.70
CA ARG B 385 22.26 -12.77 -16.82
C ARG B 385 23.20 -12.81 -15.62
N ASP B 386 24.38 -12.20 -15.80
CA ASP B 386 25.35 -12.14 -14.72
C ASP B 386 24.82 -11.26 -13.60
N ASP B 387 25.23 -11.58 -12.37
CA ASP B 387 24.66 -10.93 -11.19
C ASP B 387 24.95 -9.44 -11.12
N LEU B 388 25.95 -8.94 -11.85
CA LEU B 388 26.39 -7.57 -11.74
C LEU B 388 25.91 -6.69 -12.89
N VAL B 389 25.02 -7.19 -13.75
CA VAL B 389 24.57 -6.44 -14.91
C VAL B 389 23.22 -5.80 -14.60
N ILE B 390 22.97 -4.65 -15.20
CA ILE B 390 21.71 -3.93 -15.08
C ILE B 390 21.10 -3.87 -16.48
N PRO B 391 19.86 -4.33 -16.68
CA PRO B 391 18.98 -4.97 -15.71
C PRO B 391 19.15 -6.49 -15.63
N TYR B 392 18.57 -7.09 -14.59
CA TYR B 392 18.53 -8.53 -14.45
C TYR B 392 17.60 -9.14 -15.50
N GLY B 393 17.85 -10.40 -15.82
CA GLY B 393 17.02 -11.08 -16.81
C GLY B 393 17.73 -12.31 -17.35
N VAL B 394 17.36 -12.69 -18.57
CA VAL B 394 17.88 -13.88 -19.22
C VAL B 394 18.38 -13.51 -20.62
N HIS B 395 19.30 -14.34 -21.12
CA HIS B 395 19.77 -14.17 -22.49
C HIS B 395 18.85 -14.85 -23.49
N ARG B 396 18.22 -15.95 -23.10
CA ARG B 396 17.24 -16.65 -23.92
C ARG B 396 16.16 -17.23 -23.02
N LEU B 397 14.98 -17.44 -23.60
CA LEU B 397 13.88 -18.13 -22.94
C LEU B 397 13.32 -19.16 -23.91
N PRO B 398 13.92 -20.34 -23.98
CA PRO B 398 13.39 -21.38 -24.87
C PRO B 398 12.00 -21.83 -24.43
N VAL B 399 11.02 -21.63 -25.31
CA VAL B 399 9.64 -21.94 -25.00
C VAL B 399 9.03 -22.73 -26.14
N THR B 400 7.95 -23.45 -25.82
CA THR B 400 7.13 -24.13 -26.80
C THR B 400 5.70 -24.11 -26.30
N TRP B 401 4.78 -24.67 -27.09
CA TRP B 401 3.37 -24.69 -26.71
C TRP B 401 2.64 -25.89 -27.30
#